data_485D
# 
_entry.id   485D 
# 
_audit_conform.dict_name       mmcif_pdbx.dic 
_audit_conform.dict_version    5.383 
_audit_conform.dict_location   http://mmcif.pdb.org/dictionaries/ascii/mmcif_pdbx.dic 
# 
loop_
_database_2.database_id 
_database_2.database_code 
_database_2.pdbx_database_accession 
_database_2.pdbx_DOI 
PDB   485D         pdb_0000485d 10.2210/pdb485d/pdb 
NDB   AR0019       ?            ?                   
RCSB  RCSB001324   ?            ?                   
WWPDB D_1000001324 ?            ?                   
# 
loop_
_pdbx_audit_revision_history.ordinal 
_pdbx_audit_revision_history.data_content_type 
_pdbx_audit_revision_history.major_revision 
_pdbx_audit_revision_history.minor_revision 
_pdbx_audit_revision_history.revision_date 
1 'Structure model' 1 0 1999-12-18 
2 'Structure model' 1 1 2008-04-26 
3 'Structure model' 1 2 2011-07-13 
4 'Structure model' 1 3 2023-12-27 
# 
_pdbx_audit_revision_details.ordinal             1 
_pdbx_audit_revision_details.revision_ordinal    1 
_pdbx_audit_revision_details.data_content_type   'Structure model' 
_pdbx_audit_revision_details.provider            repository 
_pdbx_audit_revision_details.type                'Initial release' 
_pdbx_audit_revision_details.description         ? 
_pdbx_audit_revision_details.details             ? 
# 
loop_
_pdbx_audit_revision_group.ordinal 
_pdbx_audit_revision_group.revision_ordinal 
_pdbx_audit_revision_group.data_content_type 
_pdbx_audit_revision_group.group 
1 2 'Structure model' 'Version format compliance' 
2 3 'Structure model' 'Version format compliance' 
3 4 'Structure model' 'Data collection'           
4 4 'Structure model' 'Database references'       
5 4 'Structure model' 'Derived calculations'      
6 4 'Structure model' 'Structure summary'         
# 
loop_
_pdbx_audit_revision_category.ordinal 
_pdbx_audit_revision_category.revision_ordinal 
_pdbx_audit_revision_category.data_content_type 
_pdbx_audit_revision_category.category 
1 4 'Structure model' chem_comp_atom  
2 4 'Structure model' chem_comp_bond  
3 4 'Structure model' database_2      
4 4 'Structure model' struct_keywords 
5 4 'Structure model' struct_site     
# 
loop_
_pdbx_audit_revision_item.ordinal 
_pdbx_audit_revision_item.revision_ordinal 
_pdbx_audit_revision_item.data_content_type 
_pdbx_audit_revision_item.item 
1 4 'Structure model' '_database_2.pdbx_DOI'                
2 4 'Structure model' '_database_2.pdbx_database_accession' 
3 4 'Structure model' '_struct_keywords.text'               
4 4 'Structure model' '_struct_site.pdbx_auth_asym_id'      
5 4 'Structure model' '_struct_site.pdbx_auth_comp_id'      
6 4 'Structure model' '_struct_site.pdbx_auth_seq_id'       
# 
_pdbx_database_status.status_code                     REL 
_pdbx_database_status.entry_id                        485D 
_pdbx_database_status.recvd_initial_deposition_date   1999-08-13 
_pdbx_database_status.deposit_site                    RCSB 
_pdbx_database_status.process_site                    RCSB 
_pdbx_database_status.status_code_sf                  REL 
_pdbx_database_status.SG_entry                        . 
_pdbx_database_status.status_code_mr                  ? 
_pdbx_database_status.pdb_format_compatible           Y 
_pdbx_database_status.status_code_cs                  ? 
_pdbx_database_status.status_code_nmr_data            ? 
_pdbx_database_status.methods_development_category    ? 
# 
loop_
_audit_author.name 
_audit_author.pdbx_ordinal 
'Masquida, B.' 1 
'Sauter, C.'   2 
'Westhof, E.'  3 
# 
_citation.id                        primary 
_citation.title                     
'A sulfate pocket formed by three GoU pairs in the 0.97 A resolution X-ray structure of a nonameric RNA.' 
_citation.journal_abbrev            RNA 
_citation.journal_volume            5 
_citation.page_first                1384 
_citation.page_last                 1395 
_citation.year                      1999 
_citation.journal_id_ASTM           RNARFU 
_citation.country                   UK 
_citation.journal_id_ISSN           1355-8382 
_citation.journal_id_CSD            2122 
_citation.book_publisher            ? 
_citation.pdbx_database_id_PubMed   10573129 
_citation.pdbx_database_id_DOI      10.1017/S1355838299991173 
# 
loop_
_citation_author.citation_id 
_citation_author.name 
_citation_author.ordinal 
_citation_author.identifier_ORCID 
primary 'Masquida, B.' 1 ? 
primary 'Sauter, C.'   2 ? 
primary 'Westhof, E.'  3 ? 
# 
loop_
_entity.id 
_entity.type 
_entity.src_method 
_entity.pdbx_description 
_entity.formula_weight 
_entity.pdbx_number_of_molecules 
_entity.pdbx_ec 
_entity.pdbx_mutation 
_entity.pdbx_fragment 
_entity.details 
1 polymer     syn "RNA/DNA(5'-R(*CP*GP*UP*GP*AP*UP*CP*GP)-D(*C)-3')" 2815.743 2  ? ? ? ? 
2 non-polymer syn 'SULFATE ION'                                      96.063   1  ? ? ? ? 
3 water       nat water                                              18.015   84 ? ? ? ? 
# 
_entity_poly.entity_id                      1 
_entity_poly.type                           'polydeoxyribonucleotide/polyribonucleotide hybrid' 
_entity_poly.nstd_linkage                   no 
_entity_poly.nstd_monomer                   no 
_entity_poly.pdbx_seq_one_letter_code       '(DC)GUGAUCG(DC)' 
_entity_poly.pdbx_seq_one_letter_code_can   CGUGAUCGC 
_entity_poly.pdbx_strand_id                 A,B 
_entity_poly.pdbx_target_identifier         ? 
# 
loop_
_pdbx_entity_nonpoly.entity_id 
_pdbx_entity_nonpoly.name 
_pdbx_entity_nonpoly.comp_id 
2 'SULFATE ION' SO4 
3 water         HOH 
# 
loop_
_entity_poly_seq.entity_id 
_entity_poly_seq.num 
_entity_poly_seq.mon_id 
_entity_poly_seq.hetero 
1 1 DC n 
1 2 G  n 
1 3 U  n 
1 4 G  n 
1 5 A  n 
1 6 U  n 
1 7 C  n 
1 8 G  n 
1 9 DC n 
# 
loop_
_chem_comp.id 
_chem_comp.type 
_chem_comp.mon_nstd_flag 
_chem_comp.name 
_chem_comp.pdbx_synonyms 
_chem_comp.formula 
_chem_comp.formula_weight 
A   'RNA linking' y "ADENOSINE-5'-MONOPHOSPHATE"        ? 'C10 H14 N5 O7 P' 347.221 
C   'RNA linking' y "CYTIDINE-5'-MONOPHOSPHATE"         ? 'C9 H14 N3 O8 P'  323.197 
DC  'DNA linking' y "2'-DEOXYCYTIDINE-5'-MONOPHOSPHATE" ? 'C9 H14 N3 O7 P'  307.197 
G   'RNA linking' y "GUANOSINE-5'-MONOPHOSPHATE"        ? 'C10 H14 N5 O8 P' 363.221 
HOH non-polymer   . WATER                               ? 'H2 O'            18.015  
SO4 non-polymer   . 'SULFATE ION'                       ? 'O4 S -2'         96.063  
U   'RNA linking' y "URIDINE-5'-MONOPHOSPHATE"          ? 'C9 H13 N2 O9 P'  324.181 
# 
loop_
_pdbx_poly_seq_scheme.asym_id 
_pdbx_poly_seq_scheme.entity_id 
_pdbx_poly_seq_scheme.seq_id 
_pdbx_poly_seq_scheme.mon_id 
_pdbx_poly_seq_scheme.ndb_seq_num 
_pdbx_poly_seq_scheme.pdb_seq_num 
_pdbx_poly_seq_scheme.auth_seq_num 
_pdbx_poly_seq_scheme.pdb_mon_id 
_pdbx_poly_seq_scheme.auth_mon_id 
_pdbx_poly_seq_scheme.pdb_strand_id 
_pdbx_poly_seq_scheme.pdb_ins_code 
_pdbx_poly_seq_scheme.hetero 
A 1 1 DC 1 1  1  DC C A . n 
A 1 2 G  2 2  2  G  G A . n 
A 1 3 U  3 3  3  U  U A . n 
A 1 4 G  4 4  4  G  G A . n 
A 1 5 A  5 5  5  A  A A . n 
A 1 6 U  6 6  6  U  U A . n 
A 1 7 C  7 7  7  C  C A . n 
A 1 8 G  8 8  8  G  G A . n 
A 1 9 DC 9 9  9  DC C A . n 
B 1 1 DC 1 10 10 DC C B . n 
B 1 2 G  2 11 11 G  G B . n 
B 1 3 U  3 12 12 U  U B . n 
B 1 4 G  4 13 13 G  G B . n 
B 1 5 A  5 14 14 A  A B . n 
B 1 6 U  6 15 15 U  U B . n 
B 1 7 C  7 16 16 C  C B . n 
B 1 8 G  8 17 17 G  G B . n 
B 1 9 DC 9 18 18 DC C B . n 
# 
loop_
_pdbx_nonpoly_scheme.asym_id 
_pdbx_nonpoly_scheme.entity_id 
_pdbx_nonpoly_scheme.mon_id 
_pdbx_nonpoly_scheme.ndb_seq_num 
_pdbx_nonpoly_scheme.pdb_seq_num 
_pdbx_nonpoly_scheme.auth_seq_num 
_pdbx_nonpoly_scheme.pdb_mon_id 
_pdbx_nonpoly_scheme.auth_mon_id 
_pdbx_nonpoly_scheme.pdb_strand_id 
_pdbx_nonpoly_scheme.pdb_ins_code 
C 2 SO4 1  19  19  SO4 SO4 B . 
D 3 HOH 1  101 101 HOH HOH A . 
D 3 HOH 2  105 105 HOH HOH A . 
D 3 HOH 3  108 108 HOH HOH A . 
D 3 HOH 4  113 113 HOH HOH A . 
D 3 HOH 5  114 114 HOH HOH A . 
D 3 HOH 6  116 116 HOH HOH A . 
D 3 HOH 7  118 118 HOH HOH A . 
D 3 HOH 8  119 119 HOH HOH A . 
D 3 HOH 9  120 120 HOH HOH A . 
D 3 HOH 10 123 123 HOH HOH A . 
D 3 HOH 11 124 124 HOH HOH A . 
D 3 HOH 12 129 129 HOH HOH A . 
D 3 HOH 13 130 130 HOH HOH A . 
D 3 HOH 14 131 131 HOH HOH A . 
D 3 HOH 15 133 133 HOH HOH A . 
D 3 HOH 16 134 134 HOH HOH A . 
D 3 HOH 17 135 135 HOH HOH A . 
D 3 HOH 18 137 137 HOH HOH A . 
D 3 HOH 19 140 140 HOH HOH A . 
D 3 HOH 20 141 141 HOH HOH A . 
D 3 HOH 21 142 142 HOH HOH A . 
D 3 HOH 22 143 143 HOH HOH A . 
D 3 HOH 23 146 146 HOH HOH A . 
D 3 HOH 24 147 147 HOH HOH A . 
D 3 HOH 25 148 148 HOH HOH A . 
D 3 HOH 26 149 149 HOH HOH A . 
D 3 HOH 27 151 151 HOH HOH A . 
D 3 HOH 28 153 153 HOH HOH A . 
D 3 HOH 29 155 155 HOH HOH A . 
D 3 HOH 30 156 156 HOH HOH A . 
D 3 HOH 31 157 157 HOH HOH A . 
D 3 HOH 32 158 158 HOH HOH A . 
D 3 HOH 33 160 160 HOH HOH A . 
D 3 HOH 34 161 161 HOH HOH A . 
D 3 HOH 35 163 163 HOH HOH A . 
D 3 HOH 36 165 165 HOH HOH A . 
D 3 HOH 37 166 166 HOH HOH A . 
D 3 HOH 38 167 167 HOH HOH A . 
D 3 HOH 39 168 168 HOH HOH A . 
D 3 HOH 40 170 170 HOH HOH A . 
D 3 HOH 41 171 171 HOH HOH A . 
D 3 HOH 42 173 173 HOH HOH A . 
D 3 HOH 43 178 178 HOH HOH A . 
D 3 HOH 44 181 181 HOH HOH A . 
D 3 HOH 45 184 184 HOH HOH A . 
E 3 HOH 1  102 102 HOH HOH B . 
E 3 HOH 2  103 103 HOH HOH B . 
E 3 HOH 3  104 104 HOH HOH B . 
E 3 HOH 4  106 106 HOH HOH B . 
E 3 HOH 5  107 107 HOH HOH B . 
E 3 HOH 6  109 109 HOH HOH B . 
E 3 HOH 7  110 110 HOH HOH B . 
E 3 HOH 8  111 111 HOH HOH B . 
E 3 HOH 9  112 112 HOH HOH B . 
E 3 HOH 10 115 115 HOH HOH B . 
E 3 HOH 11 117 117 HOH HOH B . 
E 3 HOH 12 121 121 HOH HOH B . 
E 3 HOH 13 122 122 HOH HOH B . 
E 3 HOH 14 125 125 HOH HOH B . 
E 3 HOH 15 126 126 HOH HOH B . 
E 3 HOH 16 127 127 HOH HOH B . 
E 3 HOH 17 128 128 HOH HOH B . 
E 3 HOH 18 132 132 HOH HOH B . 
E 3 HOH 19 136 136 HOH HOH B . 
E 3 HOH 20 138 138 HOH HOH B . 
E 3 HOH 21 139 139 HOH HOH B . 
E 3 HOH 22 144 144 HOH HOH B . 
E 3 HOH 23 145 145 HOH HOH B . 
E 3 HOH 24 150 150 HOH HOH B . 
E 3 HOH 25 152 152 HOH HOH B . 
E 3 HOH 26 154 154 HOH HOH B . 
E 3 HOH 27 159 159 HOH HOH B . 
E 3 HOH 28 162 162 HOH HOH B . 
E 3 HOH 29 164 164 HOH HOH B . 
E 3 HOH 30 169 169 HOH HOH B . 
E 3 HOH 31 172 172 HOH HOH B . 
E 3 HOH 32 174 174 HOH HOH B . 
E 3 HOH 33 175 175 HOH HOH B . 
E 3 HOH 34 176 176 HOH HOH B . 
E 3 HOH 35 177 177 HOH HOH B . 
E 3 HOH 36 179 179 HOH HOH B . 
E 3 HOH 37 180 180 HOH HOH B . 
E 3 HOH 38 182 182 HOH HOH B . 
E 3 HOH 39 183 183 HOH HOH B . 
# 
loop_
_pdbx_unobs_or_zero_occ_atoms.id 
_pdbx_unobs_or_zero_occ_atoms.PDB_model_num 
_pdbx_unobs_or_zero_occ_atoms.polymer_flag 
_pdbx_unobs_or_zero_occ_atoms.occupancy_flag 
_pdbx_unobs_or_zero_occ_atoms.auth_asym_id 
_pdbx_unobs_or_zero_occ_atoms.auth_comp_id 
_pdbx_unobs_or_zero_occ_atoms.auth_seq_id 
_pdbx_unobs_or_zero_occ_atoms.PDB_ins_code 
_pdbx_unobs_or_zero_occ_atoms.auth_atom_id 
_pdbx_unobs_or_zero_occ_atoms.label_alt_id 
_pdbx_unobs_or_zero_occ_atoms.label_asym_id 
_pdbx_unobs_or_zero_occ_atoms.label_comp_id 
_pdbx_unobs_or_zero_occ_atoms.label_seq_id 
_pdbx_unobs_or_zero_occ_atoms.label_atom_id 
1  1 Y 1 A DC 1  ? "O5'" ? A DC 1 "O5'" 
2  1 Y 1 A DC 1  ? "C5'" ? A DC 1 "C5'" 
3  1 Y 1 A DC 1  ? "C4'" ? A DC 1 "C4'" 
4  1 Y 1 A DC 1  ? "O4'" ? A DC 1 "O4'" 
5  1 Y 1 A DC 1  ? "C3'" ? A DC 1 "C3'" 
6  1 Y 1 A DC 1  ? "C2'" ? A DC 1 "C2'" 
7  1 Y 1 A DC 1  ? "C1'" ? A DC 1 "C1'" 
8  1 Y 1 A DC 1  ? N1    ? A DC 1 N1    
9  1 Y 1 A DC 1  ? C2    ? A DC 1 C2    
10 1 Y 1 A DC 1  ? O2    ? A DC 1 O2    
11 1 Y 1 A DC 1  ? N3    ? A DC 1 N3    
12 1 Y 1 A DC 1  ? C4    ? A DC 1 C4    
13 1 Y 1 A DC 1  ? N4    ? A DC 1 N4    
14 1 Y 1 A DC 1  ? C5    ? A DC 1 C5    
15 1 Y 1 A DC 1  ? C6    ? A DC 1 C6    
16 1 Y 1 B DC 10 ? "O5'" ? B DC 1 "O5'" 
17 1 Y 1 B DC 10 ? "C5'" ? B DC 1 "C5'" 
18 1 Y 1 B DC 10 ? "C4'" ? B DC 1 "C4'" 
19 1 Y 1 B DC 10 ? "O4'" ? B DC 1 "O4'" 
20 1 Y 1 B DC 10 ? "C3'" ? B DC 1 "C3'" 
21 1 Y 1 B DC 10 ? "C2'" ? B DC 1 "C2'" 
22 1 Y 1 B DC 10 ? "C1'" ? B DC 1 "C1'" 
23 1 Y 1 B DC 10 ? N1    ? B DC 1 N1    
24 1 Y 1 B DC 10 ? C2    ? B DC 1 C2    
25 1 Y 1 B DC 10 ? O2    ? B DC 1 O2    
26 1 Y 1 B DC 10 ? N3    ? B DC 1 N3    
27 1 Y 1 B DC 10 ? C4    ? B DC 1 C4    
28 1 Y 1 B DC 10 ? N4    ? B DC 1 N4    
29 1 Y 1 B DC 10 ? C5    ? B DC 1 C5    
30 1 Y 1 B DC 10 ? C6    ? B DC 1 C6    
# 
loop_
_software.name 
_software.classification 
_software.version 
_software.citation_id 
_software.pdbx_ordinal 
DENZO     'data reduction' . ? 1 
SCALEPACK 'data scaling'   . ? 2 
AMoRE     phasing          . ? 3 
SHELXL-97 refinement       . ? 4 
# 
_cell.entry_id           485D 
_cell.length_a           39.958 
_cell.length_b           39.958 
_cell.length_c           67.445 
_cell.angle_alpha        90.00 
_cell.angle_beta         90.00 
_cell.angle_gamma        120.00 
_cell.Z_PDB              18 
_cell.pdbx_unique_axis   ? 
_cell.length_a_esd       ? 
_cell.length_b_esd       ? 
_cell.length_c_esd       ? 
_cell.angle_alpha_esd    ? 
_cell.angle_beta_esd     ? 
_cell.angle_gamma_esd    ? 
# 
_symmetry.entry_id                         485D 
_symmetry.space_group_name_H-M             'H 3' 
_symmetry.pdbx_full_space_group_name_H-M   ? 
_symmetry.cell_setting                     trigonal 
_symmetry.Int_Tables_number                146 
_symmetry.space_group_name_Hall            ? 
# 
_exptl.entry_id          485D 
_exptl.method            'X-RAY DIFFRACTION' 
_exptl.crystals_number   1 
# 
_exptl_crystal.id                    1 
_exptl_crystal.density_meas          ? 
_exptl_crystal.density_percent_sol   33.15 
_exptl_crystal.density_Matthews      1.84 
_exptl_crystal.description           ? 
_exptl_crystal.F_000                 ? 
_exptl_crystal.preparation           ? 
# 
_exptl_crystal_grow.crystal_id      1 
_exptl_crystal_grow.method          'VAPOR DIFFUSION, HANGING DROP' 
_exptl_crystal_grow.temp            310 
_exptl_crystal_grow.temp_details    ? 
_exptl_crystal_grow.pH              6.0 
_exptl_crystal_grow.pdbx_details    
;2.2-2.6 M AMMONIUM SULFATE, 5-50 MM MAGNESIUM SULFATE, 50 MM SODIUM CACODYLATE, 1MM SPERMINE, pH 6.0, VAPOR DIFFUSION, HANGING DROP, temperature 310K
;
_exptl_crystal_grow.pdbx_pH_range   ? 
# 
loop_
_exptl_crystal_grow_comp.crystal_id 
_exptl_crystal_grow_comp.id 
_exptl_crystal_grow_comp.sol_id 
_exptl_crystal_grow_comp.name 
_exptl_crystal_grow_comp.volume 
_exptl_crystal_grow_comp.conc 
_exptl_crystal_grow_comp.details 
1 1 1 '(NH4)2SO4'          ? ? ? 
1 2 1 MGSO4                ? ? ? 
1 3 1 'SODIUM CACODYLATE,' ? ? ? 
1 4 1 SPERMINE             ? ? ? 
1 5 2 '(NH4)2SO4'          ? ? ? 
1 6 2 MGSO4                ? ? ? 
# 
_diffrn.id                     1 
_diffrn.ambient_temp           110 
_diffrn.ambient_temp_details   ? 
_diffrn.crystal_id             1 
# 
_diffrn_detector.diffrn_id              1 
_diffrn_detector.detector               'AREA DETECTOR' 
_diffrn_detector.type                   ? 
_diffrn_detector.pdbx_collection_date   ? 
_diffrn_detector.details                ? 
# 
_diffrn_radiation.diffrn_id                        1 
_diffrn_radiation.wavelength_id                    1 
_diffrn_radiation.pdbx_monochromatic_or_laue_m_l   M 
_diffrn_radiation.monochromator                    ? 
_diffrn_radiation.pdbx_diffrn_protocol             'SINGLE WAVELENGTH' 
_diffrn_radiation.pdbx_scattering_type             x-ray 
# 
_diffrn_radiation_wavelength.id           1 
_diffrn_radiation_wavelength.wavelength   0.9343 
_diffrn_radiation_wavelength.wt           1.0 
# 
_diffrn_source.diffrn_id                   1 
_diffrn_source.source                      SYNCHROTRON 
_diffrn_source.type                        'ESRF BEAMLINE BM14' 
_diffrn_source.pdbx_synchrotron_site       ESRF 
_diffrn_source.pdbx_synchrotron_beamline   BM14 
_diffrn_source.pdbx_wavelength             0.9343 
_diffrn_source.pdbx_wavelength_list        ? 
# 
_reflns.entry_id                     485D 
_reflns.observed_criterion_sigma_I   0.0 
_reflns.observed_criterion_sigma_F   0.0 
_reflns.d_resolution_low             20.0 
_reflns.d_resolution_high            0.97 
_reflns.number_obs                   23838 
_reflns.number_all                   23838 
_reflns.percent_possible_obs         99.8 
_reflns.pdbx_Rmerge_I_obs            0.041 
_reflns.pdbx_Rsym_value              ? 
_reflns.pdbx_netI_over_sigmaI        ? 
_reflns.B_iso_Wilson_estimate        ? 
_reflns.pdbx_redundancy              5.91 
_reflns.R_free_details               ? 
_reflns.pdbx_chi_squared             ? 
_reflns.pdbx_scaling_rejects         ? 
_reflns.pdbx_diffrn_id               1 
_reflns.pdbx_ordinal                 1 
# 
_reflns_shell.d_res_high             0.97 
_reflns_shell.d_res_low              0.99 
_reflns_shell.percent_possible_all   99.9 
_reflns_shell.Rmerge_I_obs           0.446 
_reflns_shell.pdbx_Rsym_value        ? 
_reflns_shell.meanI_over_sigI_obs    ? 
_reflns_shell.pdbx_redundancy        2.63 
_reflns_shell.percent_possible_obs   ? 
_reflns_shell.number_unique_all      ? 
_reflns_shell.number_measured_all    ? 
_reflns_shell.number_measured_obs    ? 
_reflns_shell.number_unique_obs      ? 
_reflns_shell.pdbx_chi_squared       ? 
_reflns_shell.pdbx_diffrn_id         ? 
_reflns_shell.pdbx_ordinal           1 
# 
_refine.entry_id                                 485D 
_refine.ls_number_reflns_obs                     23838 
_refine.ls_number_reflns_all                     23838 
_refine.pdbx_ls_sigma_I                          0.0 
_refine.pdbx_ls_sigma_F                          0.0 
_refine.pdbx_data_cutoff_high_absF               ? 
_refine.pdbx_data_cutoff_low_absF                ? 
_refine.pdbx_data_cutoff_high_rms_absF           ? 
_refine.ls_d_res_low                             20.0 
_refine.ls_d_res_high                            0.97 
_refine.ls_percent_reflns_obs                    99.8 
_refine.ls_R_factor_obs                          0.1503 
_refine.ls_R_factor_all                          0.1503 
_refine.ls_R_factor_R_work                       0.1487 
_refine.ls_R_factor_R_free                       0.1954 
_refine.ls_R_factor_R_free_error                 ? 
_refine.ls_R_factor_R_free_error_details         ? 
_refine.ls_percent_reflns_R_free                 5 
_refine.ls_number_reflns_R_free                  1292 
_refine.ls_number_parameters                     ? 
_refine.ls_number_restraints                     ? 
_refine.occupancy_min                            ? 
_refine.occupancy_max                            ? 
_refine.B_iso_mean                               ? 
_refine.aniso_B[1][1]                            ? 
_refine.aniso_B[2][2]                            ? 
_refine.aniso_B[3][3]                            ? 
_refine.aniso_B[1][2]                            ? 
_refine.aniso_B[1][3]                            ? 
_refine.aniso_B[2][3]                            ? 
_refine.solvent_model_details                    ? 
_refine.solvent_model_param_ksol                 ? 
_refine.solvent_model_param_bsol                 ? 
_refine.pdbx_ls_cross_valid_method               THROUGHOUT 
_refine.details                                  ? 
_refine.pdbx_starting_model                      ? 
_refine.pdbx_method_to_determine_struct          'MOLECULAR REPLACEMENT' 
_refine.pdbx_isotropic_thermal_model             ? 
_refine.pdbx_stereochemistry_target_values       ? 
_refine.pdbx_stereochem_target_val_spec_case     ? 
_refine.pdbx_R_Free_selection_details            'THIN SHELLS' 
_refine.pdbx_overall_ESU_R                       ? 
_refine.pdbx_overall_ESU_R_Free                  ? 
_refine.overall_SU_ML                            ? 
_refine.overall_SU_B                             ? 
_refine.pdbx_refine_id                           'X-RAY DIFFRACTION' 
_refine.ls_redundancy_reflns_obs                 ? 
_refine.pdbx_overall_phase_error                 ? 
_refine.correlation_coeff_Fo_to_Fc               ? 
_refine.correlation_coeff_Fo_to_Fc_free          ? 
_refine.pdbx_solvent_vdw_probe_radii             ? 
_refine.pdbx_solvent_ion_probe_radii             ? 
_refine.pdbx_solvent_shrinkage_radii             ? 
_refine.overall_SU_R_Cruickshank_DPI             ? 
_refine.overall_SU_R_free                        ? 
_refine.ls_wR_factor_R_free                      ? 
_refine.ls_wR_factor_R_work                      ? 
_refine.overall_FOM_free_R_set                   ? 
_refine.overall_FOM_work_R_set                   ? 
_refine.pdbx_diffrn_id                           1 
_refine.pdbx_TLS_residual_ADP_flag               ? 
_refine.pdbx_overall_SU_R_free_Cruickshank_DPI   ? 
_refine.pdbx_overall_SU_R_Blow_DPI               ? 
_refine.pdbx_overall_SU_R_free_Blow_DPI          ? 
# 
_refine_hist.pdbx_refine_id                   'X-RAY DIFFRACTION' 
_refine_hist.cycle_id                         LAST 
_refine_hist.pdbx_number_atoms_protein        0 
_refine_hist.pdbx_number_atoms_nucleic_acid   342 
_refine_hist.pdbx_number_atoms_ligand         5 
_refine_hist.number_atoms_solvent             84 
_refine_hist.number_atoms_total               431 
_refine_hist.d_res_high                       0.97 
_refine_hist.d_res_low                        20.0 
# 
loop_
_refine_ls_restr.type 
_refine_ls_restr.dev_ideal 
_refine_ls_restr.dev_ideal_target 
_refine_ls_restr.weight 
_refine_ls_restr.number 
_refine_ls_restr.pdbx_refine_id 
_refine_ls_restr.pdbx_restraint_function 
s_bond_d               0.014 ? ? ? 'X-RAY DIFFRACTION' ? 
s_angle_d              0.018 ? ? ? 'X-RAY DIFFRACTION' ? 
s_similar_dist         ?     ? ? ? 'X-RAY DIFFRACTION' ? 
s_from_restr_planes    ?     ? ? ? 'X-RAY DIFFRACTION' ? 
s_zero_chiral_vol      ?     ? ? ? 'X-RAY DIFFRACTION' ? 
s_non_zero_chiral_vol  ?     ? ? ? 'X-RAY DIFFRACTION' ? 
s_anti_bump_dis_restr  ?     ? ? ? 'X-RAY DIFFRACTION' ? 
s_rigid_bond_adp_cmpnt ?     ? ? ? 'X-RAY DIFFRACTION' ? 
s_similar_adp_cmpnt    ?     ? ? ? 'X-RAY DIFFRACTION' ? 
s_approx_iso_adps      ?     ? ? ? 'X-RAY DIFFRACTION' ? 
# 
_struct.entry_id                  485D 
_struct.title                     'A SULFATE POCKET FORMED BY THREE GOU PAIRS IN THE STRUCTURE OF A NONAMERIC RNA' 
_struct.pdbx_model_details        ? 
_struct.pdbx_CASP_flag            ? 
_struct.pdbx_model_type_details   ? 
# 
_struct_keywords.entry_id        485D 
_struct_keywords.pdbx_keywords   'DNA-RNA HYBRID' 
_struct_keywords.text            'RNA, DNA/RNA HYBRID, SULFATE ION, DNA-RNA HYBRID complex, DNA-RNA HYBRID' 
# 
loop_
_struct_asym.id 
_struct_asym.pdbx_blank_PDB_chainid_flag 
_struct_asym.pdbx_modified 
_struct_asym.entity_id 
_struct_asym.details 
A N N 1 ? 
B N N 1 ? 
C N N 2 ? 
D N N 3 ? 
E N N 3 ? 
# 
_struct_ref.id                         1 
_struct_ref.entity_id                  1 
_struct_ref.db_name                    PDB 
_struct_ref.db_code                    485D 
_struct_ref.pdbx_db_accession          485D 
_struct_ref.pdbx_align_begin           ? 
_struct_ref.pdbx_seq_one_letter_code   ? 
_struct_ref.pdbx_db_isoform            ? 
# 
loop_
_struct_ref_seq.align_id 
_struct_ref_seq.ref_id 
_struct_ref_seq.pdbx_PDB_id_code 
_struct_ref_seq.pdbx_strand_id 
_struct_ref_seq.seq_align_beg 
_struct_ref_seq.pdbx_seq_align_beg_ins_code 
_struct_ref_seq.seq_align_end 
_struct_ref_seq.pdbx_seq_align_end_ins_code 
_struct_ref_seq.pdbx_db_accession 
_struct_ref_seq.db_align_beg 
_struct_ref_seq.pdbx_db_align_beg_ins_code 
_struct_ref_seq.db_align_end 
_struct_ref_seq.pdbx_db_align_end_ins_code 
_struct_ref_seq.pdbx_auth_seq_align_beg 
_struct_ref_seq.pdbx_auth_seq_align_end 
1 1 485D A 1 ? 9 ? 485D 1  ? 9  ? 1  9  
2 1 485D B 1 ? 9 ? 485D 10 ? 18 ? 10 18 
# 
_pdbx_struct_assembly.id                   1 
_pdbx_struct_assembly.details              author_defined_assembly 
_pdbx_struct_assembly.method_details       ? 
_pdbx_struct_assembly.oligomeric_details   dimeric 
_pdbx_struct_assembly.oligomeric_count     2 
# 
_pdbx_struct_assembly_gen.assembly_id       1 
_pdbx_struct_assembly_gen.oper_expression   1 
_pdbx_struct_assembly_gen.asym_id_list      A,B,C,D,E 
# 
_pdbx_struct_oper_list.id                   1 
_pdbx_struct_oper_list.type                 'identity operation' 
_pdbx_struct_oper_list.name                 1_555 
_pdbx_struct_oper_list.symmetry_operation   x,y,z 
_pdbx_struct_oper_list.matrix[1][1]         1.0000000000 
_pdbx_struct_oper_list.matrix[1][2]         0.0000000000 
_pdbx_struct_oper_list.matrix[1][3]         0.0000000000 
_pdbx_struct_oper_list.vector[1]            0.0000000000 
_pdbx_struct_oper_list.matrix[2][1]         0.0000000000 
_pdbx_struct_oper_list.matrix[2][2]         1.0000000000 
_pdbx_struct_oper_list.matrix[2][3]         0.0000000000 
_pdbx_struct_oper_list.vector[2]            0.0000000000 
_pdbx_struct_oper_list.matrix[3][1]         0.0000000000 
_pdbx_struct_oper_list.matrix[3][2]         0.0000000000 
_pdbx_struct_oper_list.matrix[3][3]         1.0000000000 
_pdbx_struct_oper_list.vector[3]            0.0000000000 
# 
_struct_biol.id        1 
_struct_biol.details   ? 
# 
loop_
_struct_conn.id 
_struct_conn.conn_type_id 
_struct_conn.pdbx_leaving_atom_flag 
_struct_conn.pdbx_PDB_id 
_struct_conn.ptnr1_label_asym_id 
_struct_conn.ptnr1_label_comp_id 
_struct_conn.ptnr1_label_seq_id 
_struct_conn.ptnr1_label_atom_id 
_struct_conn.pdbx_ptnr1_label_alt_id 
_struct_conn.pdbx_ptnr1_PDB_ins_code 
_struct_conn.pdbx_ptnr1_standard_comp_id 
_struct_conn.ptnr1_symmetry 
_struct_conn.ptnr2_label_asym_id 
_struct_conn.ptnr2_label_comp_id 
_struct_conn.ptnr2_label_seq_id 
_struct_conn.ptnr2_label_atom_id 
_struct_conn.pdbx_ptnr2_label_alt_id 
_struct_conn.pdbx_ptnr2_PDB_ins_code 
_struct_conn.ptnr1_auth_asym_id 
_struct_conn.ptnr1_auth_comp_id 
_struct_conn.ptnr1_auth_seq_id 
_struct_conn.ptnr2_auth_asym_id 
_struct_conn.ptnr2_auth_comp_id 
_struct_conn.ptnr2_auth_seq_id 
_struct_conn.ptnr2_symmetry 
_struct_conn.pdbx_ptnr3_label_atom_id 
_struct_conn.pdbx_ptnr3_label_seq_id 
_struct_conn.pdbx_ptnr3_label_comp_id 
_struct_conn.pdbx_ptnr3_label_asym_id 
_struct_conn.pdbx_ptnr3_label_alt_id 
_struct_conn.pdbx_ptnr3_PDB_ins_code 
_struct_conn.details 
_struct_conn.pdbx_dist_value 
_struct_conn.pdbx_value_order 
_struct_conn.pdbx_role 
hydrog1  hydrog ? ? A G  2 N1 ? ? ? 1_555 B DC 9 N3 ? ? A G  2 B DC 18 1_555 ? ? ? ? ? ? WATSON-CRICK ? ? ? 
hydrog2  hydrog ? ? A G  2 N2 ? ? ? 1_555 B DC 9 O2 ? ? A G  2 B DC 18 1_555 ? ? ? ? ? ? WATSON-CRICK ? ? ? 
hydrog3  hydrog ? ? A G  2 O6 ? ? ? 1_555 B DC 9 N4 ? ? A G  2 B DC 18 1_555 ? ? ? ? ? ? WATSON-CRICK ? ? ? 
hydrog4  hydrog ? ? A U  3 N3 ? ? ? 1_555 B G  8 O6 ? ? A U  3 B G  17 1_555 ? ? ? ? ? ? TYPE_28_PAIR ? ? ? 
hydrog5  hydrog ? ? A U  3 O2 ? ? ? 1_555 B G  8 N1 ? ? A U  3 B G  17 1_555 ? ? ? ? ? ? TYPE_28_PAIR ? ? ? 
hydrog6  hydrog ? ? A G  4 N1 ? ? ? 1_555 B C  7 N3 ? ? A G  4 B C  16 1_555 ? ? ? ? ? ? WATSON-CRICK ? ? ? 
hydrog7  hydrog ? ? A G  4 N2 ? ? ? 1_555 B C  7 O2 ? ? A G  4 B C  16 1_555 ? ? ? ? ? ? WATSON-CRICK ? ? ? 
hydrog8  hydrog ? ? A G  4 O6 ? ? ? 1_555 B C  7 N4 ? ? A G  4 B C  16 1_555 ? ? ? ? ? ? WATSON-CRICK ? ? ? 
hydrog9  hydrog ? ? A A  5 N1 ? ? ? 1_555 B U  6 N3 ? ? A A  5 B U  15 1_555 ? ? ? ? ? ? WATSON-CRICK ? ? ? 
hydrog10 hydrog ? ? A A  5 N6 ? ? ? 1_555 B U  6 O4 ? ? A A  5 B U  15 1_555 ? ? ? ? ? ? WATSON-CRICK ? ? ? 
hydrog11 hydrog ? ? A U  6 N3 ? ? ? 1_555 B A  5 N1 ? ? A U  6 B A  14 1_555 ? ? ? ? ? ? WATSON-CRICK ? ? ? 
hydrog12 hydrog ? ? A U  6 O4 ? ? ? 1_555 B A  5 N6 ? ? A U  6 B A  14 1_555 ? ? ? ? ? ? WATSON-CRICK ? ? ? 
hydrog13 hydrog ? ? A C  7 N3 ? ? ? 1_555 B G  4 N1 ? ? A C  7 B G  13 1_555 ? ? ? ? ? ? WATSON-CRICK ? ? ? 
hydrog14 hydrog ? ? A C  7 N4 ? ? ? 1_555 B G  4 O6 ? ? A C  7 B G  13 1_555 ? ? ? ? ? ? WATSON-CRICK ? ? ? 
hydrog15 hydrog ? ? A C  7 O2 ? ? ? 1_555 B G  4 N2 ? ? A C  7 B G  13 1_555 ? ? ? ? ? ? WATSON-CRICK ? ? ? 
hydrog16 hydrog ? ? A G  8 N1 ? ? ? 1_555 B U  3 O2 ? ? A G  8 B U  12 1_555 ? ? ? ? ? ? TYPE_28_PAIR ? ? ? 
hydrog17 hydrog ? ? A G  8 O6 ? ? ? 1_555 B U  3 N3 ? ? A G  8 B U  12 1_555 ? ? ? ? ? ? TYPE_28_PAIR ? ? ? 
hydrog18 hydrog ? ? A DC 9 N3 ? ? ? 1_555 B G  2 N1 ? ? A DC 9 B G  11 1_555 ? ? ? ? ? ? WATSON-CRICK ? ? ? 
hydrog19 hydrog ? ? A DC 9 N4 ? ? ? 1_555 B G  2 O6 ? ? A DC 9 B G  11 1_555 ? ? ? ? ? ? WATSON-CRICK ? ? ? 
hydrog20 hydrog ? ? A DC 9 O2 ? ? ? 1_555 B G  2 N2 ? ? A DC 9 B G  11 1_555 ? ? ? ? ? ? WATSON-CRICK ? ? ? 
# 
_struct_conn_type.id          hydrog 
_struct_conn_type.criteria    ? 
_struct_conn_type.reference   ? 
# 
_struct_site.id                   AC1 
_struct_site.pdbx_evidence_code   Software 
_struct_site.pdbx_auth_asym_id    B 
_struct_site.pdbx_auth_comp_id    SO4 
_struct_site.pdbx_auth_seq_id     19 
_struct_site.pdbx_auth_ins_code   ? 
_struct_site.pdbx_num_residues    12 
_struct_site.details              'BINDING SITE FOR RESIDUE SO4 B 19' 
# 
loop_
_struct_site_gen.id 
_struct_site_gen.site_id 
_struct_site_gen.pdbx_num_res 
_struct_site_gen.label_comp_id 
_struct_site_gen.label_asym_id 
_struct_site_gen.label_seq_id 
_struct_site_gen.pdbx_auth_ins_code 
_struct_site_gen.auth_comp_id 
_struct_site_gen.auth_asym_id 
_struct_site_gen.auth_seq_id 
_struct_site_gen.label_atom_id 
_struct_site_gen.label_alt_id 
_struct_site_gen.symmetry 
_struct_site_gen.details 
1  AC1 12 G   B 8 ? G   B 17  . ? 1_555 ? 
2  AC1 12 G   B 8 ? G   B 17  . ? 3_665 ? 
3  AC1 12 G   B 8 ? G   B 17  . ? 2_655 ? 
4  AC1 12 DC  B 9 ? DC  B 18  . ? 1_555 ? 
5  AC1 12 DC  B 9 ? DC  B 18  . ? 3_665 ? 
6  AC1 12 DC  B 9 ? DC  B 18  . ? 2_655 ? 
7  AC1 12 HOH E . ? HOH B 103 . ? 3_665 ? 
8  AC1 12 HOH E . ? HOH B 103 . ? 2_655 ? 
9  AC1 12 HOH E . ? HOH B 103 . ? 1_555 ? 
10 AC1 12 HOH E . ? HOH B 145 . ? 1_555 ? 
11 AC1 12 HOH E . ? HOH B 145 . ? 3_665 ? 
12 AC1 12 HOH E . ? HOH B 145 . ? 2_655 ? 
# 
loop_
_pdbx_validate_rmsd_bond.id 
_pdbx_validate_rmsd_bond.PDB_model_num 
_pdbx_validate_rmsd_bond.auth_atom_id_1 
_pdbx_validate_rmsd_bond.auth_asym_id_1 
_pdbx_validate_rmsd_bond.auth_comp_id_1 
_pdbx_validate_rmsd_bond.auth_seq_id_1 
_pdbx_validate_rmsd_bond.PDB_ins_code_1 
_pdbx_validate_rmsd_bond.label_alt_id_1 
_pdbx_validate_rmsd_bond.auth_atom_id_2 
_pdbx_validate_rmsd_bond.auth_asym_id_2 
_pdbx_validate_rmsd_bond.auth_comp_id_2 
_pdbx_validate_rmsd_bond.auth_seq_id_2 
_pdbx_validate_rmsd_bond.PDB_ins_code_2 
_pdbx_validate_rmsd_bond.label_alt_id_2 
_pdbx_validate_rmsd_bond.bond_value 
_pdbx_validate_rmsd_bond.bond_target_value 
_pdbx_validate_rmsd_bond.bond_deviation 
_pdbx_validate_rmsd_bond.bond_standard_deviation 
_pdbx_validate_rmsd_bond.linker_flag 
1  1 "O3'" A DC 1  ? ? P     A G  2  ? ? 1.482 1.607 -0.125 0.012 Y 
2  1 "C2'" A G  2  ? ? "C1'" A G  2  ? ? 1.467 1.526 -0.059 0.008 N 
3  1 "O4'" A G  2  ? ? "C1'" A G  2  ? ? 1.503 1.415 0.088  0.012 N 
4  1 "C2'" A U  3  ? ? "C1'" A U  3  ? ? 1.468 1.526 -0.058 0.008 N 
5  1 "C2'" A G  4  ? ? "C1'" A G  4  ? ? 1.459 1.526 -0.067 0.008 N 
6  1 "C2'" A A  5  ? ? "C1'" A A  5  ? ? 1.477 1.526 -0.049 0.008 N 
7  1 N1    A A  5  ? ? C2    A A  5  ? ? 1.262 1.339 -0.077 0.009 N 
8  1 N3    A A  5  ? ? C4    A A  5  ? ? 1.290 1.344 -0.054 0.006 N 
9  1 C6    A A  5  ? ? N1    A A  5  ? ? 1.399 1.351 0.048  0.007 N 
10 1 C5    A A  5  ? ? N7    A A  5  ? ? 1.343 1.388 -0.045 0.006 N 
11 1 N7    A A  5  ? ? C8    A A  5  ? ? 1.355 1.311 0.044  0.007 N 
12 1 "C2'" A U  6  ? ? "C1'" A U  6  ? ? 1.458 1.526 -0.068 0.008 N 
13 1 "O4'" A U  6  ? ? "C1'" A U  6  ? ? 1.490 1.415 0.075  0.012 N 
14 1 "C2'" A G  8  ? ? "C1'" A G  8  ? ? 1.470 1.526 -0.056 0.008 N 
15 1 "O3'" B DC 10 ? ? P     B G  11 ? ? 1.489 1.607 -0.118 0.012 Y 
16 1 "C2'" B G  11 ? ? "C1'" B G  11 ? ? 1.465 1.526 -0.061 0.008 N 
17 1 "C2'" B U  12 ? ? "C1'" B U  12 ? ? 1.459 1.526 -0.067 0.008 N 
18 1 N1    B A  14 ? ? C2    B A  14 ? ? 1.265 1.339 -0.074 0.009 N 
19 1 N3    B A  14 ? ? C4    B A  14 ? ? 1.281 1.344 -0.063 0.006 N 
20 1 C5    B A  14 ? ? N7    B A  14 ? ? 1.328 1.388 -0.060 0.006 N 
21 1 "C2'" B G  17 ? ? "C1'" B G  17 ? ? 1.451 1.526 -0.075 0.008 N 
22 1 C4    B DC 18 ? ? C5    B DC 18 ? ? 1.475 1.425 0.050  0.008 N 
# 
loop_
_pdbx_validate_rmsd_angle.id 
_pdbx_validate_rmsd_angle.PDB_model_num 
_pdbx_validate_rmsd_angle.auth_atom_id_1 
_pdbx_validate_rmsd_angle.auth_asym_id_1 
_pdbx_validate_rmsd_angle.auth_comp_id_1 
_pdbx_validate_rmsd_angle.auth_seq_id_1 
_pdbx_validate_rmsd_angle.PDB_ins_code_1 
_pdbx_validate_rmsd_angle.label_alt_id_1 
_pdbx_validate_rmsd_angle.auth_atom_id_2 
_pdbx_validate_rmsd_angle.auth_asym_id_2 
_pdbx_validate_rmsd_angle.auth_comp_id_2 
_pdbx_validate_rmsd_angle.auth_seq_id_2 
_pdbx_validate_rmsd_angle.PDB_ins_code_2 
_pdbx_validate_rmsd_angle.label_alt_id_2 
_pdbx_validate_rmsd_angle.auth_atom_id_3 
_pdbx_validate_rmsd_angle.auth_asym_id_3 
_pdbx_validate_rmsd_angle.auth_comp_id_3 
_pdbx_validate_rmsd_angle.auth_seq_id_3 
_pdbx_validate_rmsd_angle.PDB_ins_code_3 
_pdbx_validate_rmsd_angle.label_alt_id_3 
_pdbx_validate_rmsd_angle.angle_value 
_pdbx_validate_rmsd_angle.angle_target_value 
_pdbx_validate_rmsd_angle.angle_deviation 
_pdbx_validate_rmsd_angle.angle_standard_deviation 
_pdbx_validate_rmsd_angle.linker_flag 
1  1 N9    A G  2  ? ? "C1'" A G  2  ? ? "C2'" A G  2  ? ? 121.85 114.00 7.85   1.30 N 
2  1 "O4'" A G  2  ? ? "C1'" A G  2  ? ? N9    A G  2  ? ? 101.78 108.20 -6.42  0.80 N 
3  1 C5    A U  3  ? ? C6    A U  3  ? ? N1    A U  3  ? ? 125.82 122.70 3.12   0.50 N 
4  1 N1    A G  4  ? ? C6    A G  4  ? ? O6    A G  4  ? ? 115.96 119.90 -3.94  0.60 N 
5  1 C4    A A  5  ? ? C5    A A  5  ? ? N7    A A  5  ? ? 114.02 110.70 3.32   0.50 N 
6  1 N7    A A  5  ? ? C8    A A  5  ? ? N9    A A  5  ? ? 110.75 113.80 -3.05  0.50 N 
7  1 N9    A A  5  ? ? C4    A A  5  ? ? C5    A A  5  ? ? 103.31 105.80 -2.49  0.40 N 
8  1 "C1'" A C  7  ? ? "O4'" A C  7  ? ? "C4'" A C  7  ? ? 105.45 109.70 -4.25  0.70 N 
9  1 C2    A C  7  ? ? N3    A C  7  ? ? C4    A C  7  ? ? 116.41 119.90 -3.49  0.50 N 
10 1 P     A G  8  ? ? "O5'" A G  8  ? ? "C5'" A G  8  ? ? 137.93 120.90 17.03  1.60 N 
11 1 N1    A G  8  ? ? C6    A G  8  ? ? O6    A G  8  ? ? 116.03 119.90 -3.87  0.60 N 
12 1 "O4'" A DC 9  ? ? "C4'" A DC 9  ? ? "C3'" A DC 9  ? ? 100.59 104.50 -3.91  0.40 N 
13 1 OP1   B G  11 ? ? P     B G  11 ? ? OP2   B G  11 ? ? 108.70 119.60 -10.90 1.50 N 
14 1 N1    B U  12 ? ? C2    B U  12 ? ? O2    B U  12 ? ? 117.00 122.80 -5.80  0.70 N 
15 1 N3    B U  12 ? ? C2    B U  12 ? ? O2    B U  12 ? ? 127.87 122.20 5.67   0.70 N 
16 1 C4    B A  14 ? ? C5    B A  14 ? ? N7    B A  14 ? ? 113.71 110.70 3.01   0.50 N 
17 1 N9    B A  14 ? ? C4    B A  14 ? ? C5    B A  14 ? ? 102.78 105.80 -3.02  0.40 N 
18 1 C5    B U  15 ? ? C6    B U  15 ? ? N1    B U  15 ? ? 125.80 122.70 3.10   0.50 N 
# 
loop_
_pdbx_struct_special_symmetry.id 
_pdbx_struct_special_symmetry.PDB_model_num 
_pdbx_struct_special_symmetry.auth_asym_id 
_pdbx_struct_special_symmetry.auth_comp_id 
_pdbx_struct_special_symmetry.auth_seq_id 
_pdbx_struct_special_symmetry.PDB_ins_code 
_pdbx_struct_special_symmetry.label_asym_id 
_pdbx_struct_special_symmetry.label_comp_id 
_pdbx_struct_special_symmetry.label_seq_id 
1 1 B SO4 19  ? C SO4 . 
2 1 A HOH 101 ? D HOH . 
3 1 A HOH 123 ? D HOH . 
4 1 A HOH 133 ? D HOH . 
5 1 A HOH 153 ? D HOH . 
6 1 B HOH 102 ? E HOH . 
7 1 B HOH 104 ? E HOH . 
8 1 B HOH 107 ? E HOH . 
# 
loop_
_chem_comp_atom.comp_id 
_chem_comp_atom.atom_id 
_chem_comp_atom.type_symbol 
_chem_comp_atom.pdbx_aromatic_flag 
_chem_comp_atom.pdbx_stereo_config 
_chem_comp_atom.pdbx_ordinal 
A   OP3    O N N 1   
A   P      P N N 2   
A   OP1    O N N 3   
A   OP2    O N N 4   
A   "O5'"  O N N 5   
A   "C5'"  C N N 6   
A   "C4'"  C N R 7   
A   "O4'"  O N N 8   
A   "C3'"  C N S 9   
A   "O3'"  O N N 10  
A   "C2'"  C N R 11  
A   "O2'"  O N N 12  
A   "C1'"  C N R 13  
A   N9     N Y N 14  
A   C8     C Y N 15  
A   N7     N Y N 16  
A   C5     C Y N 17  
A   C6     C Y N 18  
A   N6     N N N 19  
A   N1     N Y N 20  
A   C2     C Y N 21  
A   N3     N Y N 22  
A   C4     C Y N 23  
A   HOP3   H N N 24  
A   HOP2   H N N 25  
A   "H5'"  H N N 26  
A   "H5''" H N N 27  
A   "H4'"  H N N 28  
A   "H3'"  H N N 29  
A   "HO3'" H N N 30  
A   "H2'"  H N N 31  
A   "HO2'" H N N 32  
A   "H1'"  H N N 33  
A   H8     H N N 34  
A   H61    H N N 35  
A   H62    H N N 36  
A   H2     H N N 37  
C   OP3    O N N 38  
C   P      P N N 39  
C   OP1    O N N 40  
C   OP2    O N N 41  
C   "O5'"  O N N 42  
C   "C5'"  C N N 43  
C   "C4'"  C N R 44  
C   "O4'"  O N N 45  
C   "C3'"  C N S 46  
C   "O3'"  O N N 47  
C   "C2'"  C N R 48  
C   "O2'"  O N N 49  
C   "C1'"  C N R 50  
C   N1     N N N 51  
C   C2     C N N 52  
C   O2     O N N 53  
C   N3     N N N 54  
C   C4     C N N 55  
C   N4     N N N 56  
C   C5     C N N 57  
C   C6     C N N 58  
C   HOP3   H N N 59  
C   HOP2   H N N 60  
C   "H5'"  H N N 61  
C   "H5''" H N N 62  
C   "H4'"  H N N 63  
C   "H3'"  H N N 64  
C   "HO3'" H N N 65  
C   "H2'"  H N N 66  
C   "HO2'" H N N 67  
C   "H1'"  H N N 68  
C   H41    H N N 69  
C   H42    H N N 70  
C   H5     H N N 71  
C   H6     H N N 72  
DC  OP3    O N N 73  
DC  P      P N N 74  
DC  OP1    O N N 75  
DC  OP2    O N N 76  
DC  "O5'"  O N N 77  
DC  "C5'"  C N N 78  
DC  "C4'"  C N R 79  
DC  "O4'"  O N N 80  
DC  "C3'"  C N S 81  
DC  "O3'"  O N N 82  
DC  "C2'"  C N N 83  
DC  "C1'"  C N R 84  
DC  N1     N N N 85  
DC  C2     C N N 86  
DC  O2     O N N 87  
DC  N3     N N N 88  
DC  C4     C N N 89  
DC  N4     N N N 90  
DC  C5     C N N 91  
DC  C6     C N N 92  
DC  HOP3   H N N 93  
DC  HOP2   H N N 94  
DC  "H5'"  H N N 95  
DC  "H5''" H N N 96  
DC  "H4'"  H N N 97  
DC  "H3'"  H N N 98  
DC  "HO3'" H N N 99  
DC  "H2'"  H N N 100 
DC  "H2''" H N N 101 
DC  "H1'"  H N N 102 
DC  H41    H N N 103 
DC  H42    H N N 104 
DC  H5     H N N 105 
DC  H6     H N N 106 
G   OP3    O N N 107 
G   P      P N N 108 
G   OP1    O N N 109 
G   OP2    O N N 110 
G   "O5'"  O N N 111 
G   "C5'"  C N N 112 
G   "C4'"  C N R 113 
G   "O4'"  O N N 114 
G   "C3'"  C N S 115 
G   "O3'"  O N N 116 
G   "C2'"  C N R 117 
G   "O2'"  O N N 118 
G   "C1'"  C N R 119 
G   N9     N Y N 120 
G   C8     C Y N 121 
G   N7     N Y N 122 
G   C5     C Y N 123 
G   C6     C N N 124 
G   O6     O N N 125 
G   N1     N N N 126 
G   C2     C N N 127 
G   N2     N N N 128 
G   N3     N N N 129 
G   C4     C Y N 130 
G   HOP3   H N N 131 
G   HOP2   H N N 132 
G   "H5'"  H N N 133 
G   "H5''" H N N 134 
G   "H4'"  H N N 135 
G   "H3'"  H N N 136 
G   "HO3'" H N N 137 
G   "H2'"  H N N 138 
G   "HO2'" H N N 139 
G   "H1'"  H N N 140 
G   H8     H N N 141 
G   H1     H N N 142 
G   H21    H N N 143 
G   H22    H N N 144 
HOH O      O N N 145 
HOH H1     H N N 146 
HOH H2     H N N 147 
SO4 S      S N N 148 
SO4 O1     O N N 149 
SO4 O2     O N N 150 
SO4 O3     O N N 151 
SO4 O4     O N N 152 
U   OP3    O N N 153 
U   P      P N N 154 
U   OP1    O N N 155 
U   OP2    O N N 156 
U   "O5'"  O N N 157 
U   "C5'"  C N N 158 
U   "C4'"  C N R 159 
U   "O4'"  O N N 160 
U   "C3'"  C N S 161 
U   "O3'"  O N N 162 
U   "C2'"  C N R 163 
U   "O2'"  O N N 164 
U   "C1'"  C N R 165 
U   N1     N N N 166 
U   C2     C N N 167 
U   O2     O N N 168 
U   N3     N N N 169 
U   C4     C N N 170 
U   O4     O N N 171 
U   C5     C N N 172 
U   C6     C N N 173 
U   HOP3   H N N 174 
U   HOP2   H N N 175 
U   "H5'"  H N N 176 
U   "H5''" H N N 177 
U   "H4'"  H N N 178 
U   "H3'"  H N N 179 
U   "HO3'" H N N 180 
U   "H2'"  H N N 181 
U   "HO2'" H N N 182 
U   "H1'"  H N N 183 
U   H3     H N N 184 
U   H5     H N N 185 
U   H6     H N N 186 
# 
loop_
_chem_comp_bond.comp_id 
_chem_comp_bond.atom_id_1 
_chem_comp_bond.atom_id_2 
_chem_comp_bond.value_order 
_chem_comp_bond.pdbx_aromatic_flag 
_chem_comp_bond.pdbx_stereo_config 
_chem_comp_bond.pdbx_ordinal 
A   OP3   P      sing N N 1   
A   OP3   HOP3   sing N N 2   
A   P     OP1    doub N N 3   
A   P     OP2    sing N N 4   
A   P     "O5'"  sing N N 5   
A   OP2   HOP2   sing N N 6   
A   "O5'" "C5'"  sing N N 7   
A   "C5'" "C4'"  sing N N 8   
A   "C5'" "H5'"  sing N N 9   
A   "C5'" "H5''" sing N N 10  
A   "C4'" "O4'"  sing N N 11  
A   "C4'" "C3'"  sing N N 12  
A   "C4'" "H4'"  sing N N 13  
A   "O4'" "C1'"  sing N N 14  
A   "C3'" "O3'"  sing N N 15  
A   "C3'" "C2'"  sing N N 16  
A   "C3'" "H3'"  sing N N 17  
A   "O3'" "HO3'" sing N N 18  
A   "C2'" "O2'"  sing N N 19  
A   "C2'" "C1'"  sing N N 20  
A   "C2'" "H2'"  sing N N 21  
A   "O2'" "HO2'" sing N N 22  
A   "C1'" N9     sing N N 23  
A   "C1'" "H1'"  sing N N 24  
A   N9    C8     sing Y N 25  
A   N9    C4     sing Y N 26  
A   C8    N7     doub Y N 27  
A   C8    H8     sing N N 28  
A   N7    C5     sing Y N 29  
A   C5    C6     sing Y N 30  
A   C5    C4     doub Y N 31  
A   C6    N6     sing N N 32  
A   C6    N1     doub Y N 33  
A   N6    H61    sing N N 34  
A   N6    H62    sing N N 35  
A   N1    C2     sing Y N 36  
A   C2    N3     doub Y N 37  
A   C2    H2     sing N N 38  
A   N3    C4     sing Y N 39  
C   OP3   P      sing N N 40  
C   OP3   HOP3   sing N N 41  
C   P     OP1    doub N N 42  
C   P     OP2    sing N N 43  
C   P     "O5'"  sing N N 44  
C   OP2   HOP2   sing N N 45  
C   "O5'" "C5'"  sing N N 46  
C   "C5'" "C4'"  sing N N 47  
C   "C5'" "H5'"  sing N N 48  
C   "C5'" "H5''" sing N N 49  
C   "C4'" "O4'"  sing N N 50  
C   "C4'" "C3'"  sing N N 51  
C   "C4'" "H4'"  sing N N 52  
C   "O4'" "C1'"  sing N N 53  
C   "C3'" "O3'"  sing N N 54  
C   "C3'" "C2'"  sing N N 55  
C   "C3'" "H3'"  sing N N 56  
C   "O3'" "HO3'" sing N N 57  
C   "C2'" "O2'"  sing N N 58  
C   "C2'" "C1'"  sing N N 59  
C   "C2'" "H2'"  sing N N 60  
C   "O2'" "HO2'" sing N N 61  
C   "C1'" N1     sing N N 62  
C   "C1'" "H1'"  sing N N 63  
C   N1    C2     sing N N 64  
C   N1    C6     sing N N 65  
C   C2    O2     doub N N 66  
C   C2    N3     sing N N 67  
C   N3    C4     doub N N 68  
C   C4    N4     sing N N 69  
C   C4    C5     sing N N 70  
C   N4    H41    sing N N 71  
C   N4    H42    sing N N 72  
C   C5    C6     doub N N 73  
C   C5    H5     sing N N 74  
C   C6    H6     sing N N 75  
DC  OP3   P      sing N N 76  
DC  OP3   HOP3   sing N N 77  
DC  P     OP1    doub N N 78  
DC  P     OP2    sing N N 79  
DC  P     "O5'"  sing N N 80  
DC  OP2   HOP2   sing N N 81  
DC  "O5'" "C5'"  sing N N 82  
DC  "C5'" "C4'"  sing N N 83  
DC  "C5'" "H5'"  sing N N 84  
DC  "C5'" "H5''" sing N N 85  
DC  "C4'" "O4'"  sing N N 86  
DC  "C4'" "C3'"  sing N N 87  
DC  "C4'" "H4'"  sing N N 88  
DC  "O4'" "C1'"  sing N N 89  
DC  "C3'" "O3'"  sing N N 90  
DC  "C3'" "C2'"  sing N N 91  
DC  "C3'" "H3'"  sing N N 92  
DC  "O3'" "HO3'" sing N N 93  
DC  "C2'" "C1'"  sing N N 94  
DC  "C2'" "H2'"  sing N N 95  
DC  "C2'" "H2''" sing N N 96  
DC  "C1'" N1     sing N N 97  
DC  "C1'" "H1'"  sing N N 98  
DC  N1    C2     sing N N 99  
DC  N1    C6     sing N N 100 
DC  C2    O2     doub N N 101 
DC  C2    N3     sing N N 102 
DC  N3    C4     doub N N 103 
DC  C4    N4     sing N N 104 
DC  C4    C5     sing N N 105 
DC  N4    H41    sing N N 106 
DC  N4    H42    sing N N 107 
DC  C5    C6     doub N N 108 
DC  C5    H5     sing N N 109 
DC  C6    H6     sing N N 110 
G   OP3   P      sing N N 111 
G   OP3   HOP3   sing N N 112 
G   P     OP1    doub N N 113 
G   P     OP2    sing N N 114 
G   P     "O5'"  sing N N 115 
G   OP2   HOP2   sing N N 116 
G   "O5'" "C5'"  sing N N 117 
G   "C5'" "C4'"  sing N N 118 
G   "C5'" "H5'"  sing N N 119 
G   "C5'" "H5''" sing N N 120 
G   "C4'" "O4'"  sing N N 121 
G   "C4'" "C3'"  sing N N 122 
G   "C4'" "H4'"  sing N N 123 
G   "O4'" "C1'"  sing N N 124 
G   "C3'" "O3'"  sing N N 125 
G   "C3'" "C2'"  sing N N 126 
G   "C3'" "H3'"  sing N N 127 
G   "O3'" "HO3'" sing N N 128 
G   "C2'" "O2'"  sing N N 129 
G   "C2'" "C1'"  sing N N 130 
G   "C2'" "H2'"  sing N N 131 
G   "O2'" "HO2'" sing N N 132 
G   "C1'" N9     sing N N 133 
G   "C1'" "H1'"  sing N N 134 
G   N9    C8     sing Y N 135 
G   N9    C4     sing Y N 136 
G   C8    N7     doub Y N 137 
G   C8    H8     sing N N 138 
G   N7    C5     sing Y N 139 
G   C5    C6     sing N N 140 
G   C5    C4     doub Y N 141 
G   C6    O6     doub N N 142 
G   C6    N1     sing N N 143 
G   N1    C2     sing N N 144 
G   N1    H1     sing N N 145 
G   C2    N2     sing N N 146 
G   C2    N3     doub N N 147 
G   N2    H21    sing N N 148 
G   N2    H22    sing N N 149 
G   N3    C4     sing N N 150 
HOH O     H1     sing N N 151 
HOH O     H2     sing N N 152 
SO4 S     O1     doub N N 153 
SO4 S     O2     doub N N 154 
SO4 S     O3     sing N N 155 
SO4 S     O4     sing N N 156 
U   OP3   P      sing N N 157 
U   OP3   HOP3   sing N N 158 
U   P     OP1    doub N N 159 
U   P     OP2    sing N N 160 
U   P     "O5'"  sing N N 161 
U   OP2   HOP2   sing N N 162 
U   "O5'" "C5'"  sing N N 163 
U   "C5'" "C4'"  sing N N 164 
U   "C5'" "H5'"  sing N N 165 
U   "C5'" "H5''" sing N N 166 
U   "C4'" "O4'"  sing N N 167 
U   "C4'" "C3'"  sing N N 168 
U   "C4'" "H4'"  sing N N 169 
U   "O4'" "C1'"  sing N N 170 
U   "C3'" "O3'"  sing N N 171 
U   "C3'" "C2'"  sing N N 172 
U   "C3'" "H3'"  sing N N 173 
U   "O3'" "HO3'" sing N N 174 
U   "C2'" "O2'"  sing N N 175 
U   "C2'" "C1'"  sing N N 176 
U   "C2'" "H2'"  sing N N 177 
U   "O2'" "HO2'" sing N N 178 
U   "C1'" N1     sing N N 179 
U   "C1'" "H1'"  sing N N 180 
U   N1    C2     sing N N 181 
U   N1    C6     sing N N 182 
U   C2    O2     doub N N 183 
U   C2    N3     sing N N 184 
U   N3    C4     sing N N 185 
U   N3    H3     sing N N 186 
U   C4    O4     doub N N 187 
U   C4    C5     sing N N 188 
U   C5    C6     doub N N 189 
U   C5    H5     sing N N 190 
U   C6    H6     sing N N 191 
# 
loop_
_ndb_struct_conf_na.entry_id 
_ndb_struct_conf_na.feature 
485D 'a-form double helix'  
485D 'mismatched base pair' 
# 
loop_
_ndb_struct_na_base_pair.model_number 
_ndb_struct_na_base_pair.i_label_asym_id 
_ndb_struct_na_base_pair.i_label_comp_id 
_ndb_struct_na_base_pair.i_label_seq_id 
_ndb_struct_na_base_pair.i_symmetry 
_ndb_struct_na_base_pair.j_label_asym_id 
_ndb_struct_na_base_pair.j_label_comp_id 
_ndb_struct_na_base_pair.j_label_seq_id 
_ndb_struct_na_base_pair.j_symmetry 
_ndb_struct_na_base_pair.shear 
_ndb_struct_na_base_pair.stretch 
_ndb_struct_na_base_pair.stagger 
_ndb_struct_na_base_pair.buckle 
_ndb_struct_na_base_pair.propeller 
_ndb_struct_na_base_pair.opening 
_ndb_struct_na_base_pair.pair_number 
_ndb_struct_na_base_pair.pair_name 
_ndb_struct_na_base_pair.i_auth_asym_id 
_ndb_struct_na_base_pair.i_auth_seq_id 
_ndb_struct_na_base_pair.i_PDB_ins_code 
_ndb_struct_na_base_pair.j_auth_asym_id 
_ndb_struct_na_base_pair.j_auth_seq_id 
_ndb_struct_na_base_pair.j_PDB_ins_code 
_ndb_struct_na_base_pair.hbond_type_28 
_ndb_struct_na_base_pair.hbond_type_12 
1 A G  2 1_555 B DC 9 1_555 -0.165 -0.142 0.139  -2.685 -10.134 -3.162 1 A_G2:DC18_B A 2 ? B 18 ? 19 1 
1 A U  3 1_555 B G  8 1_555 2.360  -0.604 0.077  1.073  -12.165 -0.536 2 A_U3:G17_B  A 3 ? B 17 ? 28 ? 
1 A G  4 1_555 B C  7 1_555 -0.159 -0.032 -0.171 -6.524 -11.462 2.424  3 A_G4:C16_B  A 4 ? B 16 ? 19 1 
1 A A  5 1_555 B U  6 1_555 -0.016 -0.048 0.069  -0.561 -6.370  -2.573 4 A_A5:U15_B  A 5 ? B 15 ? 20 1 
1 A U  6 1_555 B A  5 1_555 -0.127 -0.091 0.010  1.278  -14.518 0.210  5 A_U6:A14_B  A 6 ? B 14 ? 20 1 
1 A C  7 1_555 B G  4 1_555 0.250  -0.193 -0.056 4.087  -5.720  -3.084 6 A_C7:G13_B  A 7 ? B 13 ? 19 1 
1 A G  8 1_555 B U  3 1_555 -2.340 -0.418 -0.097 -2.063 -10.336 3.240  7 A_G8:U12_B  A 8 ? B 12 ? 28 ? 
1 A DC 9 1_555 B G  2 1_555 0.233  -0.082 0.001  -2.860 -5.766  0.599  8 A_DC9:G11_B A 9 ? B 11 ? 19 1 
# 
loop_
_ndb_struct_na_base_pair_step.model_number 
_ndb_struct_na_base_pair_step.i_label_asym_id_1 
_ndb_struct_na_base_pair_step.i_label_comp_id_1 
_ndb_struct_na_base_pair_step.i_label_seq_id_1 
_ndb_struct_na_base_pair_step.i_symmetry_1 
_ndb_struct_na_base_pair_step.j_label_asym_id_1 
_ndb_struct_na_base_pair_step.j_label_comp_id_1 
_ndb_struct_na_base_pair_step.j_label_seq_id_1 
_ndb_struct_na_base_pair_step.j_symmetry_1 
_ndb_struct_na_base_pair_step.i_label_asym_id_2 
_ndb_struct_na_base_pair_step.i_label_comp_id_2 
_ndb_struct_na_base_pair_step.i_label_seq_id_2 
_ndb_struct_na_base_pair_step.i_symmetry_2 
_ndb_struct_na_base_pair_step.j_label_asym_id_2 
_ndb_struct_na_base_pair_step.j_label_comp_id_2 
_ndb_struct_na_base_pair_step.j_label_seq_id_2 
_ndb_struct_na_base_pair_step.j_symmetry_2 
_ndb_struct_na_base_pair_step.shift 
_ndb_struct_na_base_pair_step.slide 
_ndb_struct_na_base_pair_step.rise 
_ndb_struct_na_base_pair_step.tilt 
_ndb_struct_na_base_pair_step.roll 
_ndb_struct_na_base_pair_step.twist 
_ndb_struct_na_base_pair_step.x_displacement 
_ndb_struct_na_base_pair_step.y_displacement 
_ndb_struct_na_base_pair_step.helical_rise 
_ndb_struct_na_base_pair_step.inclination 
_ndb_struct_na_base_pair_step.tip 
_ndb_struct_na_base_pair_step.helical_twist 
_ndb_struct_na_base_pair_step.step_number 
_ndb_struct_na_base_pair_step.step_name 
_ndb_struct_na_base_pair_step.i_auth_asym_id_1 
_ndb_struct_na_base_pair_step.i_auth_seq_id_1 
_ndb_struct_na_base_pair_step.i_PDB_ins_code_1 
_ndb_struct_na_base_pair_step.j_auth_asym_id_1 
_ndb_struct_na_base_pair_step.j_auth_seq_id_1 
_ndb_struct_na_base_pair_step.j_PDB_ins_code_1 
_ndb_struct_na_base_pair_step.i_auth_asym_id_2 
_ndb_struct_na_base_pair_step.i_auth_seq_id_2 
_ndb_struct_na_base_pair_step.i_PDB_ins_code_2 
_ndb_struct_na_base_pair_step.j_auth_asym_id_2 
_ndb_struct_na_base_pair_step.j_auth_seq_id_2 
_ndb_struct_na_base_pair_step.j_PDB_ins_code_2 
1 A G 2 1_555 B DC 9 1_555 A U  3 1_555 B G 8 1_555 -0.006 -1.221 3.215 0.814  4.917  42.682 -2.136 0.086  3.062 6.727  -1.114  
42.959 1 AA_G2U3:G17DC18_BB A 2 ? B 18 ? A 3 ? B 17 ? 
1 A U 3 1_555 B G  8 1_555 A G  4 1_555 B C 7 1_555 0.703  -1.957 3.286 5.152  10.741 25.119 -6.430 -0.337 2.362 23.110 -11.085 
27.759 2 AA_U3G4:C16G17_BB  A 3 ? B 17 ? A 4 ? B 16 ? 
1 A G 4 1_555 B C  7 1_555 A A  5 1_555 B U 6 1_555 -0.525 -2.056 3.138 -1.849 4.230  25.530 -5.650 0.702  2.797 9.474  4.140   
25.937 3 AA_G4A5:U15C16_BB  A 4 ? B 16 ? A 5 ? B 15 ? 
1 A A 5 1_555 B U  6 1_555 A U  6 1_555 B A 5 1_555 -0.124 -1.775 3.242 -1.227 3.444  31.917 -3.803 0.012  3.042 6.236  2.223   
32.120 4 AA_A5U6:A14U15_BB  A 5 ? B 15 ? A 6 ? B 14 ? 
1 A U 6 1_555 B A  5 1_555 A C  7 1_555 B G 4 1_555 -0.589 -1.371 3.239 -1.704 6.233  32.127 -3.458 0.764  2.954 11.122 3.041   
32.754 5 AA_U6C7:G13A14_BB  A 6 ? B 14 ? A 7 ? B 13 ? 
1 A C 7 1_555 B G  4 1_555 A G  8 1_555 B U 3 1_555 1.689  -1.988 3.341 0.534  10.209 20.134 -8.393 -4.144 2.135 27.063 -1.415  
22.557 6 AA_C7G8:U12G13_BB  A 7 ? B 13 ? A 8 ? B 12 ? 
1 A G 8 1_555 B U  3 1_555 A DC 9 1_555 B G 2 1_555 -0.180 -1.791 3.350 -0.229 3.228  43.076 -2.751 0.222  3.214 4.388  0.312   
43.191 7 AA_G8DC9:G11U12_BB A 8 ? B 12 ? A 9 ? B 11 ? 
# 
_atom_sites.entry_id                    485D 
_atom_sites.fract_transf_matrix[1][1]   0.00619810 
_atom_sites.fract_transf_matrix[1][2]   -0.00947341 
_atom_sites.fract_transf_matrix[1][3]   -0.02658782 
_atom_sites.fract_transf_matrix[2][1]   0.02051431 
_atom_sites.fract_transf_matrix[2][2]   -0.01999591 
_atom_sites.fract_transf_matrix[2][3]   -0.00379752 
_atom_sites.fract_transf_matrix[3][1]   -0.01016222 
_atom_sites.fract_transf_matrix[3][2]   -0.01069980 
_atom_sites.fract_transf_matrix[3][3]   0.00144341 
_atom_sites.fract_transf_vector[1]      0.999207 
_atom_sites.fract_transf_vector[2]      0.407889 
_atom_sites.fract_transf_vector[3]      -0.083546 
# 
loop_
_atom_type.symbol 
C 
N 
O 
P 
S 
# 
loop_
_atom_site.group_PDB 
_atom_site.id 
_atom_site.type_symbol 
_atom_site.label_atom_id 
_atom_site.label_alt_id 
_atom_site.label_comp_id 
_atom_site.label_asym_id 
_atom_site.label_entity_id 
_atom_site.label_seq_id 
_atom_site.pdbx_PDB_ins_code 
_atom_site.Cartn_x 
_atom_site.Cartn_y 
_atom_site.Cartn_z 
_atom_site.occupancy 
_atom_site.B_iso_or_equiv 
_atom_site.pdbx_formal_charge 
_atom_site.auth_seq_id 
_atom_site.auth_comp_id 
_atom_site.auth_asym_id 
_atom_site.auth_atom_id 
_atom_site.pdbx_PDB_model_num 
ATOM   1   O "O3'" . DC  A 1 1 ? -11.651 3.765   -0.575  1.00 54.12 ? 1   DC  A "O3'" 1 
ATOM   2   P P     . G   A 1 2 ? -11.306 2.411   -0.080  1.00 35.10 ? 2   G   A P     1 
ATOM   3   O OP1   . G   A 1 2 ? -9.832  2.139   -0.122  1.00 42.45 ? 2   G   A OP1   1 
ATOM   4   O OP2   . G   A 1 2 ? -12.097 1.287   -0.685  1.00 37.49 ? 2   G   A OP2   1 
ATOM   5   O "O5'" . G   A 1 2 ? -11.729 2.405   1.461   1.00 24.31 ? 2   G   A "O5'" 1 
ATOM   6   C "C5'" . G   A 1 2 ? -12.945 3.078   1.866   1.00 18.91 ? 2   G   A "C5'" 1 
ATOM   7   C "C4'" . G   A 1 2 ? -13.265 2.628   3.268   1.00 16.98 ? 2   G   A "C4'" 1 
ATOM   8   O "O4'" . G   A 1 2 ? -13.577 1.224   3.252   1.00 17.40 ? 2   G   A "O4'" 1 
ATOM   9   C "C3'" . G   A 1 2 ? -12.116 2.792   4.262   1.00 15.96 ? 2   G   A "C3'" 1 
ATOM   10  O "O3'" . G   A 1 2 ? -12.101 4.120   4.785   1.00 18.59 ? 2   G   A "O3'" 1 
ATOM   11  C "C2'" . G   A 1 2 ? -12.390 1.738   5.292   1.00 16.80 ? 2   G   A "C2'" 1 
ATOM   12  O "O2'" . G   A 1 2 ? -13.433 2.098   6.153   1.00 18.28 ? 2   G   A "O2'" 1 
ATOM   13  C "C1'" . G   A 1 2 ? -12.889 0.641   4.454   1.00 15.32 ? 2   G   A "C1'" 1 
ATOM   14  N N9    . G   A 1 2 ? -11.956 -0.365  3.818   1.00 14.13 ? 2   G   A N9    1 
ATOM   15  C C8    . G   A 1 2 ? -11.694 -0.611  2.508   1.00 15.12 ? 2   G   A C8    1 
ATOM   16  N N7    . G   A 1 2 ? -10.839 -1.550  2.297   1.00 15.84 ? 2   G   A N7    1 
ATOM   17  C C5    . G   A 1 2 ? -10.517 -1.965  3.594   1.00 13.86 ? 2   G   A C5    1 
ATOM   18  C C6    . G   A 1 2 ? -9.630  -2.977  4.000   1.00 13.02 ? 2   G   A C6    1 
ATOM   19  O O6    . G   A 1 2 ? -8.927  -3.729  3.290   1.00 13.94 ? 2   G   A O6    1 
ATOM   20  N N1    . G   A 1 2 ? -9.574  -3.092  5.390   1.00 11.69 ? 2   G   A N1    1 
ATOM   21  C C2    . G   A 1 2 ? -10.280 -2.339  6.247   1.00 12.83 ? 2   G   A C2    1 
ATOM   22  N N2    . G   A 1 2 ? -10.103 -2.594  7.570   1.00 12.75 ? 2   G   A N2    1 
ATOM   23  N N3    . G   A 1 2 ? -11.131 -1.376  5.875   1.00 12.59 ? 2   G   A N3    1 
ATOM   24  C C4    . G   A 1 2 ? -11.197 -1.247  4.550   1.00 13.32 ? 2   G   A C4    1 
ATOM   25  P P     . U   A 1 3 ? -10.743 4.946   4.747   1.00 18.24 ? 3   U   A P     1 
ATOM   26  O OP1   . U   A 1 3 ? -11.065 6.290   5.255   1.00 24.05 ? 3   U   A OP1   1 
ATOM   27  O OP2   . U   A 1 3 ? -10.115 4.847   3.433   1.00 20.41 ? 3   U   A OP2   1 
ATOM   28  O "O5'" . U   A 1 3 ? -9.783  4.181   5.745   1.00 17.24 ? 3   U   A "O5'" 1 
ATOM   29  C "C5'" . U   A 1 3 ? -10.085 4.187   7.165   1.00 16.49 ? 3   U   A "C5'" 1 
ATOM   30  C "C4'" . U   A 1 3 ? -9.212  3.148   7.795   1.00 15.34 ? 3   U   A "C4'" 1 
ATOM   31  O "O4'" . U   A 1 3 ? -9.573  1.822   7.345   1.00 13.89 ? 3   U   A "O4'" 1 
ATOM   32  C "C3'" . U   A 1 3 ? -7.728  3.160   7.434   1.00 14.40 ? 3   U   A "C3'" 1 
ATOM   33  O "O3'" . U   A 1 3 ? -7.087  4.256   8.084   1.00 14.96 ? 3   U   A "O3'" 1 
ATOM   34  C "C2'" . U   A 1 3 ? -7.300  1.781   7.892   1.00 13.21 ? 3   U   A "C2'" 1 
ATOM   35  O "O2'" . U   A 1 3 ? -7.285  1.766   9.292   1.00 13.83 ? 3   U   A "O2'" 1 
ATOM   36  C "C1'" . U   A 1 3 ? -8.391  0.967   7.341   1.00 13.88 ? 3   U   A "C1'" 1 
ATOM   37  N N1    . U   A 1 3 ? -8.130  0.528   5.963   1.00 13.00 ? 3   U   A N1    1 
ATOM   38  C C2    . U   A 1 3 ? -7.328  -0.624  5.830   1.00 12.69 ? 3   U   A C2    1 
ATOM   39  O O2    . U   A 1 3 ? -6.919  -1.175  6.811   1.00 13.27 ? 3   U   A O2    1 
ATOM   40  N N3    . U   A 1 3 ? -7.088  -1.019  4.559   1.00 13.03 ? 3   U   A N3    1 
ATOM   41  C C4    . U   A 1 3 ? -7.533  -0.409  3.376   1.00 14.27 ? 3   U   A C4    1 
ATOM   42  O O4    . U   A 1 3 ? -7.214  -0.919  2.283   1.00 14.69 ? 3   U   A O4    1 
ATOM   43  C C5    . U   A 1 3 ? -8.330  0.744   3.588   1.00 15.19 ? 3   U   A C5    1 
ATOM   44  C C6    . U   A 1 3 ? -8.577  1.140   4.810   1.00 14.17 ? 3   U   A C6    1 
ATOM   45  P P     . G   A 1 4 ? -5.757  4.883   7.543   1.00 16.76 ? 4   G   A P     1 
ATOM   46  O OP1   . G   A 1 4 ? -5.513  6.151   8.267   1.00 19.86 ? 4   G   A OP1   1 
ATOM   47  O OP2   . G   A 1 4 ? -5.798  4.930   6.106   1.00 19.99 ? 4   G   A OP2   1 
ATOM   48  O "O5'" . G   A 1 4 ? -4.650  3.813   7.957   1.00 16.50 ? 4   G   A "O5'" 1 
ATOM   49  C "C5'" . G   A 1 4 ? -4.406  3.526   9.348   1.00 15.01 ? 4   G   A "C5'" 1 
ATOM   50  C "C4'" . G   A 1 4 ? -3.572  2.305   9.423   1.00 14.19 ? 4   G   A "C4'" 1 
ATOM   51  O "O4'" . G   A 1 4 ? -4.173  1.202   8.694   1.00 13.74 ? 4   G   A "O4'" 1 
ATOM   52  C "C3'" . G   A 1 4 ? -2.224  2.375   8.737   1.00 13.60 ? 4   G   A "C3'" 1 
ATOM   53  O "O3'" . G   A 1 4 ? -1.347  3.122   9.605   1.00 16.26 ? 4   G   A "O3'" 1 
ATOM   54  C "C2'" . G   A 1 4 ? -1.849  0.936   8.493   1.00 13.93 ? 4   G   A "C2'" 1 
ATOM   55  O "O2'" . G   A 1 4 ? -1.395  0.354   9.697   1.00 14.80 ? 4   G   A "O2'" 1 
ATOM   56  C "C1'" . G   A 1 4 ? -3.140  0.382   8.100   1.00 13.06 ? 4   G   A "C1'" 1 
ATOM   57  N N9    . G   A 1 4 ? -3.499  0.353   6.626   1.00 13.21 ? 4   G   A N9    1 
ATOM   58  C C8    . G   A 1 4 ? -4.275  1.157   5.882   1.00 14.46 ? 4   G   A C8    1 
ATOM   59  N N7    . G   A 1 4 ? -4.364  0.827   4.647   1.00 15.00 ? 4   G   A N7    1 
ATOM   60  C C5    . G   A 1 4 ? -3.577  -0.319  4.571   1.00 14.58 ? 4   G   A C5    1 
ATOM   61  C C6    . G   A 1 4 ? -3.275  -1.147  3.465   1.00 14.22 ? 4   G   A C6    1 
ATOM   62  O O6    . G   A 1 4 ? -3.631  -1.094  2.253   1.00 17.51 ? 4   G   A O6    1 
ATOM   63  N N1    . G   A 1 4 ? -2.422  -2.212  3.811   1.00 15.04 ? 4   G   A N1    1 
ATOM   64  C C2    . G   A 1 4 ? -1.946  -2.402  5.072   1.00 13.95 ? 4   G   A C2    1 
ATOM   65  N N2    . G   A 1 4 ? -1.135  -3.475  5.248   1.00 14.45 ? 4   G   A N2    1 
ATOM   66  N N3    . G   A 1 4 ? -2.230  -1.619  6.135   1.00 13.20 ? 4   G   A N3    1 
ATOM   67  C C4    . G   A 1 4 ? -3.028  -0.632  5.785   1.00 13.63 ? 4   G   A C4    1 
ATOM   68  P P     . A   A 1 5 ? -0.069  3.849   8.976   1.00 17.56 ? 5   A   A P     1 
ATOM   69  O OP1   . A   A 1 5 ? 0.554   4.669   9.982   1.00 23.04 ? 5   A   A OP1   1 
ATOM   70  O OP2   . A   A 1 5 ? -0.419  4.515   7.665   1.00 21.40 ? 5   A   A OP2   1 
ATOM   71  O "O5'" . A   A 1 5 ? 0.699   2.528   8.690   1.00 17.37 ? 5   A   A "O5'" 1 
ATOM   72  C "C5'" . A   A 1 5 ? 1.612   2.556   7.660   1.00 16.26 ? 5   A   A "C5'" 1 
ATOM   73  C "C4'" . A   A 1 5 ? 2.234   1.171   7.545   1.00 17.51 ? 5   A   A "C4'" 1 
ATOM   74  O "O4'" . A   A 1 5 ? 1.257   0.201   7.151   1.00 18.25 ? 5   A   A "O4'" 1 
ATOM   75  C "C3'" . A   A 1 5 ? 3.311   1.064   6.482   1.00 14.53 ? 5   A   A "C3'" 1 
ATOM   76  O "O3'" . A   A 1 5 ? 4.563   1.516   6.968   1.00 15.19 ? 5   A   A "O3'" 1 
ATOM   77  C "C2'" . A   A 1 5 ? 3.307   -0.415  6.143   1.00 16.02 ? 5   A   A "C2'" 1 
ATOM   78  O "O2'" . A   A 1 5 ? 3.978   -1.097  7.145   1.00 17.48 ? 5   A   A "O2'" 1 
ATOM   79  C "C1'" . A   A 1 5 ? 1.854   -0.682  6.158   1.00 17.91 ? 5   A   A "C1'" 1 
ATOM   80  N N9    . A   A 1 5 ? 1.089   -0.378  4.914   1.00 17.99 ? 5   A   A N9    1 
ATOM   81  C C8    . A   A 1 5 ? 0.168   0.662   4.664   1.00 22.71 ? 5   A   A C8    1 
ATOM   82  N N7    . A   A 1 5 ? -0.310  0.586   3.398   1.00 17.57 ? 5   A   A N7    1 
ATOM   83  C C5    . A   A 1 5 ? 0.312   -0.481  2.868   1.00 17.74 ? 5   A   A C5    1 
ATOM   84  C C6    . A   A 1 5 ? 0.186   -1.023  1.570   1.00 17.26 ? 5   A   A C6    1 
ATOM   85  N N6    . A   A 1 5 ? -0.587  -0.550  0.624   1.00 20.76 ? 5   A   A N6    1 
ATOM   86  N N1    . A   A 1 5 ? 0.966   -2.154  1.307   1.00 18.40 ? 5   A   A N1    1 
ATOM   87  C C2    . A   A 1 5 ? 1.720   -2.629  2.201   1.00 16.77 ? 5   A   A C2    1 
ATOM   88  N N3    . A   A 1 5 ? 1.899   -2.172  3.479   1.00 17.24 ? 5   A   A N3    1 
ATOM   89  C C4    . A   A 1 5 ? 1.192   -1.129  3.755   1.00 16.82 ? 5   A   A C4    1 
ATOM   90  P P     . U   A 1 6 ? 5.679   2.093   5.974   1.00 16.60 ? 6   U   A P     1 
ATOM   91  O OP1   . U   A 1 6 ? 6.784   2.564   6.874   1.00 21.20 ? 6   U   A OP1   1 
ATOM   92  O OP2   . U   A 1 6 ? 5.112   3.058   5.016   1.00 18.02 ? 6   U   A OP2   1 
ATOM   93  O "O5'" . U   A 1 6 ? 6.143   0.882   5.089   1.00 17.71 ? 6   U   A "O5'" 1 
ATOM   94  C "C5'" . U   A 1 6 ? 6.794   -0.274  5.615   1.00 18.25 ? 6   U   A "C5'" 1 
ATOM   95  C "C4'" . U   A 1 6 ? 6.924   -1.289  4.518   1.00 18.13 ? 6   U   A "C4'" 1 
ATOM   96  O "O4'" . U   A 1 6 ? 5.652   -1.704  4.018   1.00 18.31 ? 6   U   A "O4'" 1 
ATOM   97  C "C3'" . U   A 1 6 ? 7.664   -0.754  3.271   1.00 17.18 ? 6   U   A "C3'" 1 
ATOM   98  O "O3'" . U   A 1 6 ? 9.038   -0.648  3.543   1.00 20.13 ? 6   U   A "O3'" 1 
ATOM   99  C "C2'" . U   A 1 6 ? 7.257   -1.783  2.244   1.00 17.68 ? 6   U   A "C2'" 1 
ATOM   100 O "O2'" . U   A 1 6 ? 8.000   -2.933  2.491   1.00 21.64 ? 6   U   A "O2'" 1 
ATOM   101 C "C1'" . U   A 1 6 ? 5.847   -1.970  2.565   1.00 16.94 ? 6   U   A "C1'" 1 
ATOM   102 N N1    . U   A 1 6 ? 4.870   -1.073  1.902   1.00 16.08 ? 6   U   A N1    1 
ATOM   103 C C2    . U   A 1 6 ? 4.500   -1.417  0.575   1.00 16.04 ? 6   U   A C2    1 
ATOM   104 O O2    . U   A 1 6 ? 4.979   -2.375  0.055   1.00 18.66 ? 6   U   A O2    1 
ATOM   105 N N3    . U   A 1 6 ? 3.600   -0.589  -0.016  1.00 15.86 ? 6   U   A N3    1 
ATOM   106 C C4    . U   A 1 6 ? 3.013   0.539   0.590   1.00 16.95 ? 6   U   A C4    1 
ATOM   107 O O4    . U   A 1 6 ? 2.205   1.208   -0.064  1.00 17.83 ? 6   U   A O4    1 
ATOM   108 C C5    . U   A 1 6 ? 3.436   0.816   1.915   1.00 16.40 ? 6   U   A C5    1 
ATOM   109 C C6    . U   A 1 6 ? 4.315   0.031   2.481   1.00 15.95 ? 6   U   A C6    1 
ATOM   110 P P     . C   A 1 7 ? 9.905   0.493   2.833   1.00 22.91 ? 7   C   A P     1 
ATOM   111 O OP1   . C   A 1 7 ? 11.214  0.471   3.476   1.00 31.38 ? 7   C   A OP1   1 
ATOM   112 O OP2   . C   A 1 7 ? 9.125   1.747   2.802   1.00 23.70 ? 7   C   A OP2   1 
ATOM   113 O "O5'" . C   A 1 7 ? 10.015  -0.010  1.341   1.00 21.28 ? 7   C   A "O5'" 1 
ATOM   114 C "C5'" . C   A 1 7 ? 10.684  -1.232  0.981   1.00 18.50 ? 7   C   A "C5'" 1 
ATOM   115 C "C4'" . C   A 1 7 ? 10.523  -1.448  -0.491  1.00 18.08 ? 7   C   A "C4'" 1 
ATOM   116 O "O4'" . C   A 1 7 ? 9.129   -1.890  -0.746  1.00 17.37 ? 7   C   A "O4'" 1 
ATOM   117 C "C3'" . C   A 1 7 ? 10.720  -0.263  -1.443  1.00 19.30 ? 7   C   A "C3'" 1 
ATOM   118 O "O3'" . C   A 1 7 ? 12.101  -0.008  -1.552  1.00 19.66 ? 7   C   A "O3'" 1 
ATOM   119 C "C2'" . C   A 1 7 ? 10.047  -0.811  -2.656  1.00 17.89 ? 7   C   A "C2'" 1 
ATOM   120 O "O2'" . C   A 1 7 ? 10.792  -1.823  -3.241  1.00 19.37 ? 7   C   A "O2'" 1 
ATOM   121 C "C1'" . C   A 1 7 ? 8.813   -1.422  -2.071  1.00 18.43 ? 7   C   A "C1'" 1 
ATOM   122 N N1    . C   A 1 7 ? 7.683   -0.436  -1.981  1.00 16.84 ? 7   C   A N1    1 
ATOM   123 C C2    . C   A 1 7 ? 6.908   -0.242  -3.063  1.00 16.10 ? 7   C   A C2    1 
ATOM   124 O O2    . C   A 1 7 ? 7.140   -0.906  -4.135  1.00 19.75 ? 7   C   A O2    1 
ATOM   125 N N3    . C   A 1 7 ? 5.874   0.659   -3.058  1.00 18.22 ? 7   C   A N3    1 
ATOM   126 C C4    . C   A 1 7 ? 5.679   1.311   -1.946  1.00 15.32 ? 7   C   A C4    1 
ATOM   127 N N4    . C   A 1 7 ? 4.661   2.210   -1.862  1.00 19.14 ? 7   C   A N4    1 
ATOM   128 C C5    . C   A 1 7 ? 6.496   1.129   -0.751  1.00 17.60 ? 7   C   A C5    1 
ATOM   129 C C6    . C   A 1 7 ? 7.492   0.264   -0.832  1.00 17.14 ? 7   C   A C6    1 
ATOM   130 P P     . G   A 1 8 ? 12.576  1.486   -1.949  1.00 21.89 ? 8   G   A P     1 
ATOM   131 O OP1   . G   A 1 8 ? 14.038  1.463   -2.052  1.00 25.68 ? 8   G   A OP1   1 
ATOM   132 O OP2   . G   A 1 8 ? 11.869  2.508   -1.231  1.00 22.54 ? 8   G   A OP2   1 
ATOM   133 O "O5'" . G   A 1 8 ? 12.007  1.527   -3.443  1.00 22.58 ? 8   G   A "O5'" 1 
ATOM   134 C "C5'" . G   A 1 8 ? 12.378  1.035   -4.737  1.00 20.72 ? 8   G   A "C5'" 1 
ATOM   135 C "C4'" . G   A 1 8 ? 11.403  1.291   -5.823  1.00 23.55 ? 8   G   A "C4'" 1 
ATOM   136 O "O4'" . G   A 1 8 ? 10.041  1.029   -5.319  1.00 25.68 ? 8   G   A "O4'" 1 
ATOM   137 C "C3'" . G   A 1 8 ? 11.189  2.705   -6.399  1.00 21.36 ? 8   G   A "C3'" 1 
ATOM   138 O "O3'" . G   A 1 8 ? 12.285  3.153   -7.174  1.00 19.73 ? 8   G   A "O3'" 1 
ATOM   139 C "C2'" . G   A 1 8 ? 9.926   2.458   -7.191  1.00 21.26 ? 8   G   A "C2'" 1 
ATOM   140 O "O2'" . G   A 1 8 ? 10.299  1.688   -8.292  1.00 22.15 ? 8   G   A "O2'" 1 
ATOM   141 C "C1'" . G   A 1 8 ? 9.118   1.719   -6.210  1.00 23.32 ? 8   G   A "C1'" 1 
ATOM   142 N N9    . G   A 1 8 ? 8.227   2.587   -5.369  1.00 21.08 ? 8   G   A N9    1 
ATOM   143 C C8    . G   A 1 8 ? 8.224   2.924   -4.059  1.00 27.60 ? 8   G   A C8    1 
ATOM   144 N N7    . G   A 1 8 ? 7.267   3.712   -3.716  1.00 24.50 ? 8   G   A N7    1 
ATOM   145 C C5    . G   A 1 8 ? 6.565   3.928   -4.904  1.00 23.45 ? 8   G   A C5    1 
ATOM   146 C C6    . G   A 1 8 ? 5.426   4.694   -5.201  1.00 24.73 ? 8   G   A C6    1 
ATOM   147 O O6    . G   A 1 8 ? 4.702   5.410   -4.470  1.00 25.69 ? 8   G   A O6    1 
ATOM   148 N N1    . G   A 1 8 ? 5.054   4.623   -6.562  1.00 19.61 ? 8   G   A N1    1 
ATOM   149 C C2    . G   A 1 8 ? 5.723   3.899   -7.479  1.00 22.69 ? 8   G   A C2    1 
ATOM   150 N N2    . G   A 1 8 ? 5.219   3.948   -8.757  1.00 18.88 ? 8   G   A N2    1 
ATOM   151 N N3    . G   A 1 8 ? 6.795   3.174   -7.213  1.00 22.29 ? 8   G   A N3    1 
ATOM   152 C C4    . G   A 1 8 ? 7.154   3.232   -5.929  1.00 21.80 ? 8   G   A C4    1 
ATOM   153 P P     . DC  A 1 9 ? 12.588  4.692   -7.324  1.00 18.63 ? 9   DC  A P     1 
ATOM   154 O OP1   . DC  A 1 9 ? 13.890  4.731   -8.077  1.00 17.66 ? 9   DC  A OP1   1 
ATOM   155 O OP2   . DC  A 1 9 ? 12.570  5.236   -5.972  1.00 23.55 ? 9   DC  A OP2   1 
ATOM   156 O "O5'" . DC  A 1 9 ? 11.419  5.281   -8.189  1.00 18.48 ? 9   DC  A "O5'" 1 
ATOM   157 C "C5'" . DC  A 1 9 ? 11.290  4.955   -9.583  1.00 20.08 ? 9   DC  A "C5'" 1 
ATOM   158 C "C4'" . DC  A 1 9 ? 10.140  5.691   -10.159 1.00 19.07 ? 9   DC  A "C4'" 1 
ATOM   159 O "O4'" . DC  A 1 9 ? 8.930   5.350   -9.430  1.00 17.41 ? 9   DC  A "O4'" 1 
ATOM   160 C "C3'" . DC  A 1 9 ? 10.129  7.209   -10.024 1.00 18.54 ? 9   DC  A "C3'" 1 
ATOM   161 O "O3'" . DC  A 1 9 ? 11.054  7.871   -10.928 1.00 24.63 ? 9   DC  A "O3'" 1 
ATOM   162 C "C2'" . DC  A 1 9 ? 8.647   7.514   -10.262 1.00 17.63 ? 9   DC  A "C2'" 1 
ATOM   163 C "C1'" . DC  A 1 9 ? 7.984   6.429   -9.502  1.00 15.34 ? 9   DC  A "C1'" 1 
ATOM   164 N N1    . DC  A 1 9 ? 7.659   6.825   -8.117  1.00 14.69 ? 9   DC  A N1    1 
ATOM   165 C C2    . DC  A 1 9 ? 6.571   7.593   -7.897  1.00 14.61 ? 9   DC  A C2    1 
ATOM   166 O O2    . DC  A 1 9 ? 5.851   7.937   -8.879  1.00 16.16 ? 9   DC  A O2    1 
ATOM   167 N N3    . DC  A 1 9 ? 6.223   8.006   -6.652  1.00 15.81 ? 9   DC  A N3    1 
ATOM   168 C C4    . DC  A 1 9 ? 6.989   7.656   -5.652  1.00 17.26 ? 9   DC  A C4    1 
ATOM   169 N N4    . DC  A 1 9 ? 6.638   8.069   -4.403  1.00 19.66 ? 9   DC  A N4    1 
ATOM   170 C C5    . DC  A 1 9 ? 8.180   6.841   -5.837  1.00 17.78 ? 9   DC  A C5    1 
ATOM   171 C C6    . DC  A 1 9 ? 8.464   6.461   -7.059  1.00 16.45 ? 9   DC  A C6    1 
ATOM   172 O "O3'" . DC  B 1 1 ? -3.422  13.211  -2.090  1.00 34.51 ? 10  DC  B "O3'" 1 
ATOM   173 P P     . G   B 1 2 ? -3.174  11.803  -2.509  1.00 27.20 ? 11  G   B P     1 
ATOM   174 O OP1   . G   B 1 2 ? -4.405  10.941  -2.453  1.00 43.69 ? 11  G   B OP1   1 
ATOM   175 O OP2   . G   B 1 2 ? -2.080  11.128  -1.741  1.00 34.10 ? 11  G   B OP2   1 
ATOM   176 O "O5'" . G   B 1 2 ? -2.780  11.793  -4.023  1.00 21.59 ? 11  G   B "O5'" 1 
ATOM   177 C "C5'" . G   B 1 2 ? -3.456  12.604  -5.009  1.00 19.68 ? 11  G   B "C5'" 1 
ATOM   178 C "C4'" . G   B 1 2 ? -2.674  12.572  -6.259  1.00 17.40 ? 11  G   B "C4'" 1 
ATOM   179 O "O4'" . G   B 1 2 ? -1.364  13.140  -6.058  1.00 18.95 ? 11  G   B "O4'" 1 
ATOM   180 C "C3'" . G   B 1 2 ? -2.395  11.143  -6.774  1.00 15.51 ? 11  G   B "C3'" 1 
ATOM   181 O "O3'" . G   B 1 2 ? -3.506  10.646  -7.447  1.00 16.54 ? 11  G   B "O3'" 1 
ATOM   182 C "C2'" . G   B 1 2 ? -1.186  11.404  -7.635  1.00 14.79 ? 11  G   B "C2'" 1 
ATOM   183 O "O2'" . G   B 1 2 ? -1.611  11.974  -8.851  1.00 15.91 ? 11  G   B "O2'" 1 
ATOM   184 C "C1'" . G   B 1 2 ? -0.419  12.385  -6.862  1.00 15.69 ? 11  G   B "C1'" 1 
ATOM   185 N N9    . G   B 1 2 ? 0.531   11.802  -5.890  1.00 15.64 ? 11  G   B N9    1 
ATOM   186 C C8    . G   B 1 2 ? 0.513   11.843  -4.526  1.00 17.78 ? 11  G   B C8    1 
ATOM   187 N N7    . G   B 1 2 ? 1.493   11.235  -3.975  1.00 17.90 ? 11  G   B N7    1 
ATOM   188 C C5    . G   B 1 2 ? 2.239   10.740  -5.040  1.00 15.97 ? 11  G   B C5    1 
ATOM   189 C C6    . G   B 1 2 ? 3.421   9.985   -5.093  1.00 15.20 ? 11  G   B C6    1 
ATOM   190 O O6    . G   B 1 2 ? 4.129   9.558   -4.139  1.00 17.53 ? 11  G   B O6    1 
ATOM   191 N N1    . G   B 1 2 ? 3.844   9.691   -6.407  1.00 15.10 ? 11  G   B N1    1 
ATOM   192 C C2    . G   B 1 2 ? 3.169   10.097  -7.519  1.00 15.06 ? 11  G   B C2    1 
ATOM   193 N N2    . G   B 1 2 ? 3.714   9.721   -8.715  1.00 15.01 ? 11  G   B N2    1 
ATOM   194 N N3    . G   B 1 2 ? 2.049   10.806  -7.465  1.00 14.96 ? 11  G   B N3    1 
ATOM   195 C C4    . G   B 1 2 ? 1.646   11.088  -6.230  1.00 14.70 ? 11  G   B C4    1 
ATOM   196 P P     . U   B 1 3 ? -3.934  9.143   -7.263  1.00 18.76 ? 12  U   B P     1 
ATOM   197 O OP1   . U   B 1 3 ? -5.141  8.992   -8.104  1.00 25.58 ? 12  U   B OP1   1 
ATOM   198 O OP2   . U   B 1 3 ? -3.844  8.740   -5.871  1.00 23.26 ? 12  U   B OP2   1 
ATOM   199 O "O5'" . U   B 1 3 ? -2.723  8.366   -7.968  1.00 17.86 ? 12  U   B "O5'" 1 
ATOM   200 C "C5'" . U   B 1 3 ? -2.473  8.535   -9.342  1.00 18.90 ? 12  U   B "C5'" 1 
ATOM   201 C "C4'" . U   B 1 3 ? -1.181  7.878   -9.704  1.00 17.80 ? 12  U   B "C4'" 1 
ATOM   202 O "O4'" . U   B 1 3 ? -0.075  8.454   -9.026  1.00 17.00 ? 12  U   B "O4'" 1 
ATOM   203 C "C3'" . U   B 1 3 ? -1.112  6.366   -9.312  1.00 15.98 ? 12  U   B "C3'" 1 
ATOM   204 O "O3'" . U   B 1 3 ? -1.843  5.559   -10.240 1.00 17.44 ? 12  U   B "O3'" 1 
ATOM   205 C "C2'" . U   B 1 3 ? 0.376   6.146   -9.249  1.00 16.07 ? 12  U   B "C2'" 1 
ATOM   206 O "O2'" . U   B 1 3 ? 0.829   5.939   -10.575 1.00 18.28 ? 12  U   B "O2'" 1 
ATOM   207 C "C1'" . U   B 1 3 ? 0.888   7.392   -8.688  1.00 16.37 ? 12  U   B "C1'" 1 
ATOM   208 N N1    . U   B 1 3 ? 1.010   7.421   -7.218  1.00 18.25 ? 12  U   B N1    1 
ATOM   209 C C2    . U   B 1 3 ? 2.163   6.791   -6.711  1.00 17.29 ? 12  U   B C2    1 
ATOM   210 O O2    . U   B 1 3 ? 2.914   6.305   -7.510  1.00 18.23 ? 12  U   B O2    1 
ATOM   211 N N3    . U   B 1 3 ? 2.282   6.810   -5.369  1.00 19.65 ? 12  U   B N3    1 
ATOM   212 C C4    . U   B 1 3 ? 1.377   7.391   -4.453  1.00 19.92 ? 12  U   B C4    1 
ATOM   213 O O4    . U   B 1 3 ? 1.652   7.313   -3.252  1.00 24.21 ? 12  U   B O4    1 
ATOM   214 C C5    . U   B 1 3 ? 0.248   7.997   -5.051  1.00 20.81 ? 12  U   B C5    1 
ATOM   215 C C6    . U   B 1 3 ? 0.107   7.988   -6.355  1.00 20.24 ? 12  U   B C6    1 
ATOM   216 P P     . G   B 1 4 ? -2.376  4.107   -9.810  1.00 17.62 ? 13  G   B P     1 
ATOM   217 O OP1   . G   B 1 4 ? -3.433  3.745   -10.744 1.00 21.17 ? 13  G   B OP1   1 
ATOM   218 O OP2   . G   B 1 4 ? -2.648  4.037   -8.381  1.00 19.45 ? 13  G   B OP2   1 
ATOM   219 O "O5'" . G   B 1 4 ? -1.122  3.151   -10.080 1.00 16.32 ? 13  G   B "O5'" 1 
ATOM   220 C "C5'" . G   B 1 4 ? -0.756  2.860   -11.443 1.00 16.78 ? 13  G   B "C5'" 1 
ATOM   221 C "C4'" . G   B 1 4 ? 0.393   1.921   -11.426 1.00 15.14 ? 13  G   B "C4'" 1 
ATOM   222 O "O4'" . G   B 1 4 ? 1.578   2.518   -10.870 1.00 16.53 ? 13  G   B "O4'" 1 
ATOM   223 C "C3'" . G   B 1 4 ? 0.251   0.660   -10.526 1.00 16.09 ? 13  G   B "C3'" 1 
ATOM   224 O "O3'" . G   B 1 4 ? -0.515  -0.321  -11.178 1.00 18.26 ? 13  G   B "O3'" 1 
ATOM   225 C "C2'" . G   B 1 4 ? 1.656   0.249   -10.332 1.00 16.53 ? 13  G   B "C2'" 1 
ATOM   226 O "O2'" . G   B 1 4 ? 2.179   -0.321  -11.519 1.00 18.29 ? 13  G   B "O2'" 1 
ATOM   227 C "C1'" . G   B 1 4 ? 2.301   1.557   -10.090 1.00 16.09 ? 13  G   B "C1'" 1 
ATOM   228 N N9    . G   B 1 4 ? 2.254   1.983   -8.655  1.00 14.90 ? 13  G   B N9    1 
ATOM   229 C C8    . G   B 1 4 ? 1.382   2.845   -8.067  1.00 17.51 ? 13  G   B C8    1 
ATOM   230 N N7    . G   B 1 4 ? 1.583   3.021   -6.813  1.00 15.46 ? 13  G   B N7    1 
ATOM   231 C C5    . G   B 1 4 ? 2.681   2.202   -6.532  1.00 15.25 ? 13  G   B C5    1 
ATOM   232 C C6    . G   B 1 4 ? 3.352   1.985   -5.321  1.00 15.25 ? 13  G   B C6    1 
ATOM   233 O O6    . G   B 1 4 ? 3.088   2.495   -4.212  1.00 16.89 ? 13  G   B O6    1 
ATOM   234 N N1    . G   B 1 4 ? 4.426   1.071   -5.472  1.00 16.48 ? 13  G   B N1    1 
ATOM   235 C C2    . G   B 1 4 ? 4.741   0.497   -6.662  1.00 15.10 ? 13  G   B C2    1 
ATOM   236 N N2    . G   B 1 4 ? 5.817   -0.360  -6.602  1.00 16.49 ? 13  G   B N2    1 
ATOM   237 N N3    . G   B 1 4 ? 4.111   0.700   -7.818  1.00 15.00 ? 13  G   B N3    1 
ATOM   238 C C4    . G   B 1 4 ? 3.102   1.559   -7.668  1.00 15.15 ? 13  G   B C4    1 
ATOM   239 P P     . A   B 1 5 ? -1.394  -1.359  -10.337 1.00 19.18 ? 14  A   B P     1 
ATOM   240 O OP1   . A   B 1 5 ? -1.991  -2.173  -11.404 1.00 25.27 ? 14  A   B OP1   1 
ATOM   241 O OP2   . A   B 1 5 ? -2.128  -0.571  -9.409  1.00 21.42 ? 14  A   B OP2   1 
ATOM   242 O "O5'" . A   B 1 5 ? -0.341  -2.244  -9.529  1.00 16.14 ? 14  A   B "O5'" 1 
ATOM   243 C "C5'" . A   B 1 5 ? 0.543   -3.142  -10.240 1.00 18.64 ? 14  A   B "C5'" 1 
ATOM   244 C "C4'" . A   B 1 5 ? 1.606   -3.656  -9.361  1.00 15.95 ? 14  A   B "C4'" 1 
ATOM   245 O "O4'" . A   B 1 5 ? 2.341   -2.547  -8.782  1.00 15.02 ? 14  A   B "O4'" 1 
ATOM   246 C "C3'" . A   B 1 5 ? 1.177   -4.462  -8.104  1.00 13.64 ? 14  A   B "C3'" 1 
ATOM   247 O "O3'" . A   B 1 5 ? 0.814   -5.760  -8.483  1.00 13.92 ? 14  A   B "O3'" 1 
ATOM   248 C "C2'" . A   B 1 5 ? 2.412   -4.326  -7.259  1.00 14.52 ? 14  A   B "C2'" 1 
ATOM   249 O "O2'" . A   B 1 5 ? 3.411   -5.162  -7.750  1.00 16.04 ? 14  A   B "O2'" 1 
ATOM   250 C "C1'" . A   B 1 5 ? 2.772   -2.890  -7.471  1.00 14.90 ? 14  A   B "C1'" 1 
ATOM   251 N N9    . A   B 1 5 ? 2.081   -1.984  -6.549  1.00 14.74 ? 14  A   B N9    1 
ATOM   252 C C8    . A   B 1 5 ? 0.947   -1.180  -6.700  1.00 15.14 ? 14  A   B C8    1 
ATOM   253 N N7    . A   B 1 5 ? 0.674   -0.517  -5.563  1.00 15.98 ? 14  A   B N7    1 
ATOM   254 C C5    . A   B 1 5 ? 1.616   -0.896  -4.708  1.00 14.82 ? 14  A   B C5    1 
ATOM   255 C C6    . A   B 1 5 ? 1.811   -0.505  -3.366  1.00 16.56 ? 14  A   B C6    1 
ATOM   256 N N6    . A   B 1 5 ? 1.079   0.327   -2.674  1.00 18.37 ? 14  A   B N6    1 
ATOM   257 N N1    . A   B 1 5 ? 2.896   -1.095  -2.724  1.00 16.06 ? 14  A   B N1    1 
ATOM   258 C C2    . A   B 1 5 ? 3.638   -1.911  -3.344  1.00 18.05 ? 14  A   B C2    1 
ATOM   259 N N3    . A   B 1 5 ? 3.530   -2.338  -4.625  1.00 15.11 ? 14  A   B N3    1 
ATOM   260 C C4    . A   B 1 5 ? 2.536   -1.824  -5.250  1.00 15.87 ? 14  A   B C4    1 
ATOM   261 P P     . U   B 1 6 ? -0.271  -6.580  -7.646  1.00 14.22 ? 15  U   B P     1 
ATOM   262 O OP1   . U   B 1 6 ? -0.447  -7.886  -8.354  1.00 14.67 ? 15  U   B OP1   1 
ATOM   263 O OP2   . U   B 1 6 ? -1.419  -5.684  -7.431  1.00 16.06 ? 15  U   B OP2   1 
ATOM   264 O "O5'" . U   B 1 6 ? 0.359   -6.810  -6.195  1.00 14.95 ? 15  U   B "O5'" 1 
ATOM   265 C "C5'" . U   B 1 6 ? 1.387   -7.790  -6.052  1.00 14.16 ? 15  U   B "C5'" 1 
ATOM   266 C "C4'" . U   B 1 6 ? 2.046   -7.760  -4.727  1.00 14.26 ? 15  U   B "C4'" 1 
ATOM   267 O "O4'" . U   B 1 6 ? 2.568   -6.436  -4.444  1.00 14.42 ? 15  U   B "O4'" 1 
ATOM   268 C "C3'" . U   B 1 6 ? 1.167   -7.998  -3.465  1.00 15.30 ? 15  U   B "C3'" 1 
ATOM   269 O "O3'" . U   B 1 6 ? 0.838   -9.365  -3.352  1.00 16.57 ? 15  U   B "O3'" 1 
ATOM   270 C "C2'" . U   B 1 6 ? 2.054   -7.456  -2.389  1.00 16.45 ? 15  U   B "C2'" 1 
ATOM   271 O "O2'" . U   B 1 6 ? 3.100   -8.351  -2.198  1.00 16.48 ? 15  U   B "O2'" 1 
ATOM   272 C "C1'" . U   B 1 6 ? 2.510   -6.197  -3.024  1.00 15.96 ? 15  U   B "C1'" 1 
ATOM   273 N N1    . U   B 1 6 ? 1.576   -5.096  -2.796  1.00 15.98 ? 15  U   B N1    1 
ATOM   274 C C2    . U   B 1 6 ? 1.648   -4.457  -1.532  1.00 19.14 ? 15  U   B C2    1 
ATOM   275 O O2    . U   B 1 6 ? 2.444   -4.818  -0.711  1.00 18.05 ? 15  U   B O2    1 
ATOM   276 N N3    . U   B 1 6 ? 0.779   -3.431  -1.333  1.00 16.29 ? 15  U   B N3    1 
ATOM   277 C C4    . U   B 1 6 ? -0.184  -2.965  -2.237  1.00 18.95 ? 15  U   B C4    1 
ATOM   278 O O4    . U   B 1 6 ? -0.906  -2.017  -1.889  1.00 20.50 ? 15  U   B O4    1 
ATOM   279 C C5    . U   B 1 6 ? -0.207  -3.646  -3.477  1.00 17.88 ? 15  U   B C5    1 
ATOM   280 C C6    . U   B 1 6 ? 0.641   -4.632  -3.690  1.00 16.09 ? 15  U   B C6    1 
ATOM   281 P P     . C   B 1 7 ? -0.485  -9.852  -2.606  1.00 18.90 ? 16  C   B P     1 
ATOM   282 O OP1   . C   B 1 7 ? -0.387  -11.334 -2.756  1.00 20.96 ? 16  C   B OP1   1 
ATOM   283 O OP2   . C   B 1 7 ? -1.660  -9.157  -3.103  1.00 22.50 ? 16  C   B OP2   1 
ATOM   284 O "O5'" . C   B 1 7 ? -0.277  -9.530  -1.049  1.00 19.50 ? 16  C   B "O5'" 1 
ATOM   285 C "C5'" . C   B 1 7 ? 0.768   -10.120 -0.210  1.00 19.13 ? 16  C   B "C5'" 1 
ATOM   286 C "C4'" . C   B 1 7 ? 0.897   -9.313  1.015   1.00 18.32 ? 16  C   B "C4'" 1 
ATOM   287 O "O4'" . C   B 1 7 ? 1.055   -7.919  0.630   1.00 21.47 ? 16  C   B "O4'" 1 
ATOM   288 C "C3'" . C   B 1 7 ? -0.302  -9.206  2.004   1.00 19.42 ? 16  C   B "C3'" 1 
ATOM   289 O "O3'" . C   B 1 7 ? -0.460  -10.426 2.725   1.00 16.41 ? 16  C   B "O3'" 1 
ATOM   290 C "C2'" . C   B 1 7 ? 0.123   -8.005  2.784   1.00 18.22 ? 16  C   B "C2'" 1 
ATOM   291 O "O2'" . C   B 1 7 ? 1.129   -8.447  3.630   1.00 19.03 ? 16  C   B "O2'" 1 
ATOM   292 C "C1'" . C   B 1 7 ? 0.624   -7.094  1.729   1.00 17.93 ? 16  C   B "C1'" 1 
ATOM   293 N N1    . C   B 1 7 ? -0.417  -6.127  1.226   1.00 18.57 ? 16  C   B N1    1 
ATOM   294 C C2    . C   B 1 7 ? -0.698  -5.095  2.069   1.00 18.09 ? 16  C   B C2    1 
ATOM   295 O O2    . C   B 1 7 ? -0.083  -5.038  3.177   1.00 16.44 ? 16  C   B O2    1 
ATOM   296 N N3    . C   B 1 7 ? -1.615  -4.159  1.761   1.00 16.74 ? 16  C   B N3    1 
ATOM   297 C C4    . C   B 1 7 ? -2.225  -4.235  0.598   1.00 20.73 ? 16  C   B C4    1 
ATOM   298 N N4    . C   B 1 7 ? -3.140  -3.287  0.299   1.00 18.29 ? 16  C   B N4    1 
ATOM   299 C C5    . C   B 1 7 ? -1.968  -5.322  -0.336  1.00 21.07 ? 16  C   B C5    1 
ATOM   300 C C6    . C   B 1 7 ? -1.067  -6.214  0.019   1.00 20.34 ? 16  C   B C6    1 
ATOM   301 P P     . G   B 1 8 ? -1.787  -10.798 3.541   1.00 17.40 ? 17  G   B P     1 
ATOM   302 O OP1   . G   B 1 8 ? -1.627  -12.195 3.950   1.00 20.60 ? 17  G   B OP1   1 
ATOM   303 O OP2   . G   B 1 8 ? -2.944  -10.306 2.808   1.00 20.07 ? 17  G   B OP2   1 
ATOM   304 O "O5'" . G   B 1 8 ? -1.751  -9.865  4.814   1.00 14.81 ? 17  G   B "O5'" 1 
ATOM   305 C "C5'" . G   B 1 8 ? -0.817  -10.169 5.899   1.00 14.66 ? 17  G   B "C5'" 1 
ATOM   306 C "C4'" . G   B 1 8 ? -1.096  -9.256  7.060   1.00 13.55 ? 17  G   B "C4'" 1 
ATOM   307 O "O4'" . G   B 1 8 ? -0.917  -7.873  6.677   1.00 13.15 ? 17  G   B "O4'" 1 
ATOM   308 C "C3'" . G   B 1 8 ? -2.513  -9.262  7.615   1.00 12.72 ? 17  G   B "C3'" 1 
ATOM   309 O "O3'" . G   B 1 8 ? -2.728  -10.400 8.458   1.00 12.77 ? 17  G   B "O3'" 1 
ATOM   310 C "C2'" . G   B 1 8 ? -2.572  -7.935  8.349   1.00 11.98 ? 17  G   B "C2'" 1 
ATOM   311 O "O2'" . G   B 1 8 ? -1.914  -8.070  9.598   1.00 12.35 ? 17  G   B "O2'" 1 
ATOM   312 C "C1'" . G   B 1 8 ? -1.858  -7.065  7.433   1.00 12.82 ? 17  G   B "C1'" 1 
ATOM   313 N N9    . G   B 1 8 ? -2.705  -6.373  6.399   1.00 12.57 ? 17  G   B N9    1 
ATOM   314 C C8    . G   B 1 8 ? -2.874  -6.637  5.081   1.00 14.10 ? 17  G   B C8    1 
ATOM   315 N N7    . G   B 1 8 ? -3.681  -5.837  4.487   1.00 13.72 ? 17  G   B N7    1 
ATOM   316 C C5    . G   B 1 8 ? -4.087  -4.954  5.489   1.00 13.23 ? 17  G   B C5    1 
ATOM   317 C C6    . G   B 1 8 ? -4.959  -3.868  5.460   1.00 12.79 ? 17  G   B C6    1 
ATOM   318 O O6    . G   B 1 8 ? -5.616  -3.386  4.489   1.00 13.30 ? 17  G   B O6    1 
ATOM   319 N N1    . G   B 1 8 ? -5.093  -3.246  6.727   1.00 12.97 ? 17  G   B N1    1 
ATOM   320 C C2    . G   B 1 8 ? -4.449  -3.660  7.840   1.00 12.00 ? 17  G   B C2    1 
ATOM   321 N N2    . G   B 1 8 ? -4.688  -2.941  8.977   1.00 13.08 ? 17  G   B N2    1 
ATOM   322 N N3    . G   B 1 8 ? -3.616  -4.681  7.881   1.00 12.43 ? 17  G   B N3    1 
ATOM   323 C C4    . G   B 1 8 ? -3.483  -5.287  6.689   1.00 12.20 ? 17  G   B C4    1 
ATOM   324 P P     . DC  B 1 9 ? -4.134  -11.098 8.525   1.00 13.58 ? 18  DC  B P     1 
ATOM   325 O OP1   . DC  B 1 9 ? -4.000  -12.232 9.473   1.00 14.44 ? 18  DC  B OP1   1 
ATOM   326 O OP2   . DC  B 1 9 ? -4.624  -11.375 7.154   1.00 15.14 ? 18  DC  B OP2   1 
ATOM   327 O "O5'" . DC  B 1 9 ? -5.125  -9.989  9.113   1.00 12.96 ? 18  DC  B "O5'" 1 
ATOM   328 C "C5'" . DC  B 1 9 ? -4.906  -9.518  10.454  1.00 12.77 ? 18  DC  B "C5'" 1 
ATOM   329 C "C4'" . DC  B 1 9 ? -5.838  -8.375  10.739  1.00 12.33 ? 18  DC  B "C4'" 1 
ATOM   330 O "O4'" . DC  B 1 9 ? -5.498  -7.244  9.908   1.00 12.73 ? 18  DC  B "O4'" 1 
ATOM   331 C "C3'" . DC  B 1 9 ? -7.329  -8.584  10.439  1.00 13.66 ? 18  DC  B "C3'" 1 
ATOM   332 O "O3'" . DC  B 1 9 ? -7.938  -9.416  11.417  1.00 15.34 ? 18  DC  B "O3'" 1 
ATOM   333 C "C2'" . DC  B 1 9 ? -7.802  -7.144  10.414  1.00 12.65 ? 18  DC  B "C2'" 1 
ATOM   334 C "C1'" . DC  B 1 9 ? -6.700  -6.480  9.690   1.00 11.87 ? 18  DC  B "C1'" 1 
ATOM   335 N N1    . DC  B 1 9 ? -6.927  -6.395  8.204   1.00 12.48 ? 18  DC  B N1    1 
ATOM   336 C C2    . DC  B 1 9 ? -7.686  -5.386  7.722   1.00 12.22 ? 18  DC  B C2    1 
ATOM   337 O O2    . DC  B 1 9 ? -8.191  -4.528  8.518   1.00 12.12 ? 18  DC  B O2    1 
ATOM   338 N N3    . DC  B 1 9 ? -7.922  -5.290  6.385   1.00 12.40 ? 18  DC  B N3    1 
ATOM   339 C C4    . DC  B 1 9 ? -7.401  -6.177  5.586   1.00 12.93 ? 18  DC  B C4    1 
ATOM   340 N N4    . DC  B 1 9 ? -7.605  -6.107  4.251   1.00 15.15 ? 18  DC  B N4    1 
ATOM   341 C C5    . DC  B 1 9 ? -6.578  -7.303  6.067   1.00 13.21 ? 18  DC  B C5    1 
ATOM   342 C C6    . DC  B 1 9 ? -6.395  -7.343  7.366   1.00 12.88 ? 18  DC  B C6    1 
HETATM 343 S S     . SO4 C 2 . ? -4.981  -3.794  12.698  0.27 13.02 ? 19  SO4 B S     1 
HETATM 344 O O1    . SO4 C 2 . ? -4.704  -4.483  11.538  0.27 10.03 ? 19  SO4 B O1    1 
HETATM 345 O O2    . SO4 C 2 . ? -5.804  -2.716  12.416  0.27 10.62 ? 19  SO4 B O2    1 
HETATM 346 O O3    . SO4 C 2 . ? -5.612  -4.616  13.620  0.27 17.41 ? 19  SO4 B O3    1 
HETATM 347 O O4    . SO4 C 2 . ? -3.799  -3.331  13.276  0.27 23.65 ? 19  SO4 B O4    1 
HETATM 348 O O     . HOH D 3 . ? -0.064  1.384   11.999  0.33 15.84 ? 101 HOH A O     1 
HETATM 349 O O     . HOH D 3 . ? -6.177  0.260   11.296  0.85 14.18 ? 105 HOH A O     1 
HETATM 350 O O     . HOH D 3 . ? -0.770  -1.996  8.549   1.00 16.34 ? 108 HOH A O     1 
HETATM 351 O O     . HOH D 3 . ? 15.209  -0.725  -1.513  1.00 22.78 ? 113 HOH A O     1 
HETATM 352 O O     . HOH D 3 . ? -7.356  3.909   10.909  1.00 23.83 ? 114 HOH A O     1 
HETATM 353 O O     . HOH D 3 . ? 5.598   -4.422  -1.765  1.00 29.52 ? 116 HOH A O     1 
HETATM 354 O O     . HOH D 3 . ? -1.382  3.403   5.458   0.50 17.25 ? 118 HOH A O     1 
HETATM 355 O O     . HOH D 3 . ? -1.933  6.890   8.011   1.00 23.77 ? 119 HOH A O     1 
HETATM 356 O O     . HOH D 3 . ? -6.394  -3.738  1.540   1.00 22.00 ? 120 HOH A O     1 
HETATM 357 O O     . HOH D 3 . ? 12.229  1.555   -10.270 0.33 38.96 ? 123 HOH A O     1 
HETATM 358 O O     . HOH D 3 . ? -9.435  -2.014  -0.159  1.00 40.16 ? 124 HOH A O     1 
HETATM 359 O O     . HOH D 3 . ? 6.833   -5.173  1.498   0.50 19.45 ? 129 HOH A O     1 
HETATM 360 O O     . HOH D 3 . ? -8.897  -4.891  0.550   0.50 17.08 ? 130 HOH A O     1 
HETATM 361 O O     . HOH D 3 . ? -7.824  7.211   9.855   0.50 17.77 ? 131 HOH A O     1 
HETATM 362 O O     . HOH D 3 . ? 2.390   3.968   11.651  0.33 20.87 ? 133 HOH A O     1 
HETATM 363 O O     . HOH D 3 . ? -5.295  2.473   2.476   1.00 27.51 ? 134 HOH A O     1 
HETATM 364 O O     . HOH D 3 . ? 4.619   3.952   0.395   1.00 25.44 ? 135 HOH A O     1 
HETATM 365 O O     . HOH D 3 . ? -14.117 4.530   7.464   1.00 35.20 ? 137 HOH A O     1 
HETATM 366 O O     . HOH D 3 . ? 2.843   3.944   3.897   1.00 41.91 ? 140 HOH A O     1 
HETATM 367 O O     . HOH D 3 . ? 9.328   3.215   -0.490  1.00 32.50 ? 141 HOH A O     1 
HETATM 368 O O     . HOH D 3 . ? 15.011  4.515   -2.324  1.00 39.25 ? 142 HOH A O     1 
HETATM 369 O O     . HOH D 3 . ? 7.292   4.782   -1.428  1.00 35.87 ? 143 HOH A O     1 
HETATM 370 O O     . HOH D 3 . ? -3.611  4.698   4.461   1.00 31.52 ? 146 HOH A O     1 
HETATM 371 O O     . HOH D 3 . ? 6.469   2.967   2.543   1.00 29.26 ? 147 HOH A O     1 
HETATM 372 O O     . HOH D 3 . ? 6.311   2.916   9.658   1.00 34.23 ? 148 HOH A O     1 
HETATM 373 O O     . HOH D 3 . ? -4.868  0.516   0.396   1.00 29.85 ? 149 HOH A O     1 
HETATM 374 O O     . HOH D 3 . ? 8.811   7.462   -2.364  1.00 47.49 ? 151 HOH A O     1 
HETATM 375 O O     . HOH D 3 . ? 14.494  3.940   -10.591 0.33 29.92 ? 153 HOH A O     1 
HETATM 376 O O     . HOH D 3 . ? -6.882  4.200   3.700   1.00 39.10 ? 155 HOH A O     1 
HETATM 377 O O     . HOH D 3 . ? -2.309  2.194   1.999   1.00 35.35 ? 156 HOH A O     1 
HETATM 378 O O     . HOH D 3 . ? 1.020   3.753   0.375   1.00 40.64 ? 157 HOH A O     1 
HETATM 379 O O     . HOH D 3 . ? 8.620   -0.101  -8.776  0.50 29.67 ? 158 HOH A O     1 
HETATM 380 O O     . HOH D 3 . ? 4.309   5.846   -1.924  1.00 32.42 ? 160 HOH A O     1 
HETATM 381 O O     . HOH D 3 . ? -2.796  1.375   -0.777  1.00 40.40 ? 161 HOH A O     1 
HETATM 382 O O     . HOH D 3 . ? -11.201 5.973   -0.123  1.00 47.21 ? 163 HOH A O     1 
HETATM 383 O O     . HOH D 3 . ? 10.975  5.022   -3.740  1.00 41.98 ? 165 HOH A O     1 
HETATM 384 O O     . HOH D 3 . ? -9.239  8.312   5.481   1.00 39.44 ? 166 HOH A O     1 
HETATM 385 O O     . HOH D 3 . ? 10.030  -3.607  4.173   1.00 35.35 ? 167 HOH A O     1 
HETATM 386 O O     . HOH D 3 . ? 5.947   5.946   9.815   1.00 49.61 ? 168 HOH A O     1 
HETATM 387 O O     . HOH D 3 . ? 7.123   2.810   -10.237 0.50 39.41 ? 170 HOH A O     1 
HETATM 388 O O     . HOH D 3 . ? -5.757  8.413   6.681   1.00 38.32 ? 171 HOH A O     1 
HETATM 389 O O     . HOH D 3 . ? -7.082  6.585   10.661  0.50 20.78 ? 173 HOH A O     1 
HETATM 390 O O     . HOH D 3 . ? 13.354  3.829   1.173   1.00 47.69 ? 178 HOH A O     1 
HETATM 391 O O     . HOH D 3 . ? -11.739 0.035   -3.385  1.00 53.35 ? 181 HOH A O     1 
HETATM 392 O O     . HOH D 3 . ? 9.323   2.914   5.929   1.00 42.09 ? 184 HOH A O     1 
HETATM 393 O O     . HOH E 3 . ? 3.488   -7.649  -9.028  0.33 14.23 ? 102 HOH B O     1 
HETATM 394 O O     . HOH E 3 . ? -2.879  -6.656  11.654  0.95 12.73 ? 103 HOH B O     1 
HETATM 395 O O     . HOH E 3 . ? -9.574  -8.629  13.350  0.33 15.63 ? 104 HOH B O     1 
HETATM 396 O O     . HOH E 3 . ? -1.391  -13.304 9.508   1.00 17.31 ? 106 HOH B O     1 
HETATM 397 O O     . HOH E 3 . ? 1.030   -10.237 -8.679  0.33 15.82 ? 107 HOH B O     1 
HETATM 398 O O     . HOH E 3 . ? 3.532   5.355   -10.601 1.00 20.01 ? 109 HOH B O     1 
HETATM 399 O O     . HOH E 3 . ? -8.154  -11.983 10.537  1.00 20.67 ? 110 HOH B O     1 
HETATM 400 O O     . HOH E 3 . ? -5.947  -2.537  -2.011  0.50 17.63 ? 111 HOH B O     1 
HETATM 401 O O     . HOH E 3 . ? -3.288  -5.469  -9.580  1.00 24.87 ? 112 HOH B O     1 
HETATM 402 O O     . HOH E 3 . ? 5.312   -4.413  -5.764  1.00 23.48 ? 115 HOH B O     1 
HETATM 403 O O     . HOH E 3 . ? -4.924  -5.897  2.022   0.50 19.26 ? 117 HOH B O     1 
HETATM 404 O O     . HOH E 3 . ? 2.152   -6.272  4.925   1.00 25.69 ? 121 HOH B O     1 
HETATM 405 O O     . HOH E 3 . ? -0.773  4.419   -6.050  1.00 29.84 ? 122 HOH B O     1 
HETATM 406 O O     . HOH E 3 . ? -3.605  -13.393 5.486   1.00 22.21 ? 125 HOH B O     1 
HETATM 407 O O     . HOH E 3 . ? 5.824   1.183   -10.156 0.50 21.24 ? 126 HOH B O     1 
HETATM 408 O O     . HOH E 3 . ? -2.891  -9.246  -9.081  1.00 30.54 ? 127 HOH B O     1 
HETATM 409 O O     . HOH E 3 . ? -5.229  -9.981  4.673   1.00 27.65 ? 128 HOH B O     1 
HETATM 410 O O     . HOH E 3 . ? -6.845  -8.035  2.279   1.00 27.95 ? 132 HOH B O     1 
HETATM 411 O O     . HOH E 3 . ? -2.143  -3.274  -6.247  1.00 36.07 ? 136 HOH B O     1 
HETATM 412 O O     . HOH E 3 . ? -1.663  0.867   -5.212  0.50 21.11 ? 138 HOH B O     1 
HETATM 413 O O     . HOH E 3 . ? -2.703  -6.836  -3.215  1.00 32.78 ? 139 HOH B O     1 
HETATM 414 O O     . HOH E 3 . ? 1.305   4.109   -2.869  1.00 31.97 ? 144 HOH B O     1 
HETATM 415 O O     . HOH E 3 . ? -2.687  -1.322  14.189  1.00 30.12 ? 145 HOH B O     1 
HETATM 416 O O     . HOH E 3 . ? -4.975  -14.595 8.157   0.50 19.00 ? 150 HOH B O     1 
HETATM 417 O O     . HOH E 3 . ? -3.057  -1.313  -2.701  1.00 38.67 ? 152 HOH B O     1 
HETATM 418 O O     . HOH E 3 . ? -10.593 -11.582 12.690  1.00 43.70 ? 154 HOH B O     1 
HETATM 419 O O     . HOH E 3 . ? 4.731   -1.258  -11.508 0.50 21.81 ? 159 HOH B O     1 
HETATM 420 O O     . HOH E 3 . ? -0.789  -15.590 7.223   1.00 35.70 ? 162 HOH B O     1 
HETATM 421 O O     . HOH E 3 . ? -6.350  -2.661  -0.874  0.50 24.38 ? 164 HOH B O     1 
HETATM 422 O O     . HOH E 3 . ? -3.991  -8.931  -1.677  1.00 39.85 ? 169 HOH B O     1 
HETATM 423 O O     . HOH E 3 . ? -1.281  1.908   -3.409  0.50 25.99 ? 172 HOH B O     1 
HETATM 424 O O     . HOH E 3 . ? -6.028  -0.773  9.766   0.20 21.30 ? 174 HOH B O     1 
HETATM 425 O O     . HOH E 3 . ? 1.086   10.552  -1.414  1.00 57.21 ? 175 HOH B O     1 
HETATM 426 O O     . HOH E 3 . ? -1.877  -11.503 -10.589 1.00 45.72 ? 176 HOH B O     1 
HETATM 427 O O     . HOH E 3 . ? 5.037   -6.152  0.447   1.00 45.94 ? 177 HOH B O     1 
HETATM 428 O O     . HOH E 3 . ? -4.833  -7.193  1.558   0.50 28.63 ? 179 HOH B O     1 
HETATM 429 O O     . HOH E 3 . ? -3.244  1.603   -7.519  1.00 44.89 ? 180 HOH B O     1 
HETATM 430 O O     . HOH E 3 . ? 0.310   -14.018 0.424   1.00 51.61 ? 182 HOH B O     1 
HETATM 431 O O     . HOH E 3 . ? 3.656   8.300   -1.835  1.00 63.36 ? 183 HOH B O     1 
# 
loop_
_atom_site_anisotrop.id 
_atom_site_anisotrop.type_symbol 
_atom_site_anisotrop.pdbx_label_atom_id 
_atom_site_anisotrop.pdbx_label_alt_id 
_atom_site_anisotrop.pdbx_label_comp_id 
_atom_site_anisotrop.pdbx_label_asym_id 
_atom_site_anisotrop.pdbx_label_seq_id 
_atom_site_anisotrop.pdbx_PDB_ins_code 
_atom_site_anisotrop.U[1][1] 
_atom_site_anisotrop.U[2][2] 
_atom_site_anisotrop.U[3][3] 
_atom_site_anisotrop.U[1][2] 
_atom_site_anisotrop.U[1][3] 
_atom_site_anisotrop.U[2][3] 
_atom_site_anisotrop.pdbx_auth_seq_id 
_atom_site_anisotrop.pdbx_auth_comp_id 
_atom_site_anisotrop.pdbx_auth_asym_id 
_atom_site_anisotrop.pdbx_auth_atom_id 
1   O "O3'" . DC  A 1 ? 1.0137 0.5087 0.5338 0.0392  0.3512  0.2443  1   DC  A "O3'" 
2   P P     . G   A 2 ? 0.5438 0.4056 0.3841 -0.0925 0.1380  0.0576  2   G   A P     
3   O OP1   . G   A 2 ? 0.5093 0.6641 0.4394 -0.1771 0.1623  0.0272  2   G   A OP1   
4   O OP2   . G   A 2 ? 0.5236 0.6219 0.2790 -0.1423 0.1092  -0.0228 2   G   A OP2   
5   O "O5'" . G   A 2 ? 0.3455 0.2571 0.3209 -0.0728 0.0093  0.0275  2   G   A "O5'" 
6   C "C5'" . G   A 2 ? 0.2912 0.1872 0.2400 -0.0467 -0.0944 0.0439  2   G   A "C5'" 
7   C "C4'" . G   A 2 ? 0.2220 0.1920 0.2312 -0.0184 -0.0855 0.0138  2   G   A "C4'" 
8   O "O4'" . G   A 2 ? 0.2064 0.1943 0.2603 0.0032  -0.0791 0.0275  2   G   A "O4'" 
9   C "C3'" . G   A 2 ? 0.1983 0.1716 0.2364 0.0239  -0.0671 0.0084  2   G   A "C3'" 
10  O "O3'" . G   A 2 ? 0.2268 0.1913 0.2883 0.0284  -0.0968 -0.0124 2   G   A "O3'" 
11  C "C2'" . G   A 2 ? 0.2471 0.2158 0.1753 0.0279  -0.0295 0.0176  2   G   A "C2'" 
12  O "O2'" . G   A 2 ? 0.1972 0.2285 0.2686 0.0321  -0.0176 -0.0219 2   G   A "O2'" 
13  C "C1'" . G   A 2 ? 0.1933 0.2111 0.1779 0.0152  -0.0416 0.0176  2   G   A "C1'" 
14  N N9    . G   A 2 ? 0.1726 0.1665 0.1979 -0.0014 -0.0340 0.0164  2   G   A N9    
15  C C8    . G   A 2 ? 0.1890 0.1815 0.2038 -0.0127 -0.0514 0.0201  2   G   A C8    
16  N N7    . G   A 2 ? 0.1878 0.2292 0.1846 -0.0169 -0.0505 0.0171  2   G   A N7    
17  C C5    . G   A 2 ? 0.1491 0.1949 0.1824 -0.0154 -0.0304 0.0012  2   G   A C5    
18  C C6    . G   A 2 ? 0.1707 0.1409 0.1832 -0.0241 -0.0175 0.0033  2   G   A C6    
19  O O6    . G   A 2 ? 0.1999 0.1679 0.1618 -0.0145 0.0032  0.0027  2   G   A O6    
20  N N1    . G   A 2 ? 0.1437 0.1451 0.1555 -0.0097 -0.0124 -0.0015 2   G   A N1    
21  C C2    . G   A 2 ? 0.1609 0.1350 0.1915 -0.0053 -0.0162 -0.0107 2   G   A C2    
22  N N2    . G   A 2 ? 0.1732 0.1563 0.1550 0.0036  -0.0171 0.0100  2   G   A N2    
23  N N3    . G   A 2 ? 0.1757 0.1495 0.1534 0.0009  -0.0132 0.0007  2   G   A N3    
24  C C4    . G   A 2 ? 0.1557 0.1687 0.1818 -0.0045 -0.0355 0.0163  2   G   A C4    
25  P P     . U   A 3 ? 0.2435 0.1677 0.2819 0.0000  -0.0863 0.0255  3   U   A P     
26  O OP1   . U   A 3 ? 0.4299 0.1581 0.3256 0.0424  -0.1796 -0.0040 3   U   A OP1   
27  O OP2   . U   A 3 ? 0.3243 0.1855 0.2656 -0.0301 -0.0841 0.0440  3   U   A OP2   
28  O "O5'" . U   A 3 ? 0.2175 0.1897 0.2481 0.0061  -0.0582 0.0173  3   U   A "O5'" 
29  C "C5'" . U   A 3 ? 0.2136 0.1792 0.2337 0.0343  -0.0598 -0.0154 3   U   A "C5'" 
30  C "C4'" . U   A 3 ? 0.1621 0.1929 0.2279 0.0056  -0.0443 -0.0097 3   U   A "C4'" 
31  O "O4'" . U   A 3 ? 0.1609 0.1575 0.2094 -0.0029 -0.0167 0.0203  3   U   A "O4'" 
32  C "C3'" . U   A 3 ? 0.1663 0.1621 0.2188 -0.0070 -0.0318 0.0060  3   U   A "C3'" 
33  O "O3'" . U   A 3 ? 0.1902 0.1607 0.2174 -0.0083 -0.0416 -0.0041 3   U   A "O3'" 
34  C "C2'" . U   A 3 ? 0.1776 0.1580 0.1662 -0.0135 -0.0165 0.0131  3   U   A "C2'" 
35  O "O2'" . U   A 3 ? 0.1794 0.1710 0.1750 -0.0033 -0.0128 0.0011  3   U   A "O2'" 
36  C "C1'" . U   A 3 ? 0.1758 0.1571 0.1946 0.0025  -0.0296 0.0107  3   U   A "C1'" 
37  N N1    . U   A 3 ? 0.1469 0.1621 0.1850 -0.0070 -0.0188 0.0157  3   U   A N1    
38  C C2    . U   A 3 ? 0.1519 0.1606 0.1696 -0.0161 -0.0139 0.0030  3   U   A C2    
39  O O2    . U   A 3 ? 0.1714 0.1588 0.1743 -0.0026 -0.0272 0.0166  3   U   A O2    
40  N N3    . U   A 3 ? 0.1617 0.1838 0.1498 -0.0052 -0.0057 0.0052  3   U   A N3    
41  C C4    . U   A 3 ? 0.1663 0.1723 0.2036 -0.0070 -0.0267 0.0226  3   U   A C4    
42  O O4    . U   A 3 ? 0.2040 0.1846 0.1693 0.0008  -0.0223 0.0077  3   U   A O4    
43  C C5    . U   A 3 ? 0.1911 0.1870 0.1989 0.0068  -0.0234 0.0089  3   U   A C5    
44  C C6    . U   A 3 ? 0.1586 0.1674 0.2125 0.0040  -0.0320 0.0236  3   U   A C6    
45  P P     . G   A 4 ? 0.2041 0.1761 0.2567 -0.0287 -0.0597 0.0351  4   G   A P     
46  O OP1   . G   A 4 ? 0.2537 0.1603 0.3407 -0.0240 -0.1058 0.0317  4   G   A OP1   
47  O OP2   . G   A 4 ? 0.2522 0.2528 0.2547 -0.0673 -0.0719 0.0806  4   G   A OP2   
48  O "O5'" . G   A 4 ? 0.2130 0.1855 0.2284 -0.0094 -0.0500 0.0054  4   G   A "O5'" 
49  C "C5'" . G   A 4 ? 0.1957 0.1673 0.2074 -0.0024 -0.0450 -0.0026 4   G   A "C5'" 
50  C "C4'" . G   A 4 ? 0.1769 0.1639 0.1981 -0.0094 -0.0294 -0.0191 4   G   A "C4'" 
51  O "O4'" . G   A 4 ? 0.1722 0.1632 0.1865 -0.0067 -0.0113 -0.0167 4   G   A "O4'" 
52  C "C3'" . G   A 4 ? 0.1824 0.1662 0.1681 -0.0205 -0.0282 0.0047  4   G   A "C3'" 
53  O "O3'" . G   A 4 ? 0.1774 0.1940 0.2462 -0.0245 -0.0211 -0.0056 4   G   A "O3'" 
54  C "C2'" . G   A 4 ? 0.1806 0.1623 0.1863 -0.0068 -0.0209 0.0060  4   G   A "C2'" 
55  O "O2'" . G   A 4 ? 0.1896 0.1648 0.2081 0.0152  -0.0274 -0.0155 4   G   A "O2'" 
56  C "C1'" . G   A 4 ? 0.1737 0.1722 0.1506 0.0055  -0.0082 -0.0116 4   G   A "C1'" 
57  N N9    . G   A 4 ? 0.1589 0.1627 0.1802 -0.0239 0.0103  -0.0146 4   G   A N9    
58  C C8    . G   A 4 ? 0.1654 0.2219 0.1618 -0.0216 -0.0184 0.0054  4   G   A C8    
59  N N7    . G   A 4 ? 0.1817 0.1786 0.2098 -0.0101 0.0007  0.0080  4   G   A N7    
60  C C5    . G   A 4 ? 0.1613 0.2411 0.1515 -0.0220 0.0011  0.0300  4   G   A C5    
61  C C6    . G   A 4 ? 0.1841 0.1831 0.1733 0.0190  -0.0360 0.0049  4   G   A C6    
62  O O6    . G   A 4 ? 0.2396 0.2515 0.1741 -0.0016 -0.0189 0.0065  4   G   A O6    
63  N N1    . G   A 4 ? 0.2035 0.2147 0.1533 -0.0510 -0.0046 0.0034  4   G   A N1    
64  C C2    . G   A 4 ? 0.1864 0.1740 0.1697 -0.0533 -0.0085 0.0104  4   G   A C2    
65  N N2    . G   A 4 ? 0.1765 0.1993 0.1732 -0.0225 0.0098  -0.0086 4   G   A N2    
66  N N3    . G   A 4 ? 0.1651 0.1530 0.1836 -0.0272 -0.0027 -0.0120 4   G   A N3    
67  C C4    . G   A 4 ? 0.1812 0.1672 0.1694 -0.0239 0.0070  0.0129  4   G   A C4    
68  P P     . A   A 5 ? 0.1706 0.2009 0.2958 -0.0140 -0.0050 -0.0413 5   A   A P     
69  O OP1   . A   A 5 ? 0.2021 0.2632 0.4101 -0.0544 -0.0405 -0.0893 5   A   A OP1   
70  O OP2   . A   A 5 ? 0.2130 0.2407 0.3595 -0.0344 -0.0021 0.0707  5   A   A OP2   
71  O "O5'" . A   A 5 ? 0.2073 0.2391 0.2136 0.0260  0.0103  -0.0238 5   A   A "O5'" 
72  C "C5'" . A   A 5 ? 0.2426 0.1689 0.2065 -0.0048 0.0473  -0.0197 5   A   A "C5'" 
73  C "C4'" . A   A 5 ? 0.2252 0.1796 0.2606 -0.0424 0.0966  -0.0645 5   A   A "C4'" 
74  O "O4'" . A   A 5 ? 0.2190 0.2141 0.2605 -0.0516 0.0944  -0.0759 5   A   A "O4'" 
75  C "C3'" . A   A 5 ? 0.1603 0.1776 0.2140 0.0108  0.0164  -0.0130 5   A   A "C3'" 
76  O "O3'" . A   A 5 ? 0.1941 0.2037 0.1793 -0.0069 0.0361  -0.0023 5   A   A "O3'" 
77  C "C2'" . A   A 5 ? 0.2293 0.1673 0.2122 0.0176  0.0541  0.0113  5   A   A "C2'" 
78  O "O2'" . A   A 5 ? 0.3146 0.1580 0.1918 0.0299  0.0602  0.0068  5   A   A "O2'" 
79  C "C1'" . A   A 5 ? 0.2707 0.1720 0.2376 -0.0452 0.0737  -0.0364 5   A   A "C1'" 
80  N N9    . A   A 5 ? 0.2101 0.2382 0.2351 -0.0557 0.0530  -0.0938 5   A   A N9    
81  C C8    . A   A 5 ? 0.2852 0.2120 0.3659 -0.1134 0.1563  -0.1028 5   A   A C8    
82  N N7    . A   A 5 ? 0.2261 0.1891 0.2525 -0.0114 0.0335  -0.0556 5   A   A N7    
83  C C5    . A   A 5 ? 0.1990 0.2400 0.2353 -0.0553 0.0486  -0.0786 5   A   A C5    
84  C C6    . A   A 5 ? 0.2131 0.2170 0.2255 -0.0688 0.0802  -0.0656 5   A   A C6    
85  N N6    . A   A 5 ? 0.2184 0.3060 0.2643 -0.0642 0.0468  -0.0854 5   A   A N6    
86  N N1    . A   A 5 ? 0.2295 0.2336 0.2360 -0.0340 0.0466  -0.0749 5   A   A N1    
87  C C2    . A   A 5 ? 0.2105 0.1987 0.2279 -0.0288 0.0775  -0.0290 5   A   A C2    
88  N N3    . A   A 5 ? 0.2338 0.2420 0.1794 -0.0669 0.0669  -0.0576 5   A   A N3    
89  C C4    . A   A 5 ? 0.2002 0.2213 0.2177 -0.0630 0.0765  -0.0763 5   A   A C4    
90  P P     . U   A 6 ? 0.1750 0.2534 0.2022 -0.0196 0.0127  0.0079  6   U   A P     
91  O OP1   . U   A 6 ? 0.2119 0.3152 0.2782 -0.0421 -0.0051 -0.0040 6   U   A OP1   
92  O OP2   . U   A 6 ? 0.2239 0.2198 0.2411 -0.0279 0.0113  0.0325  6   U   A OP2   
93  O "O5'" . U   A 6 ? 0.1769 0.2797 0.2163 0.0330  0.0297  0.0001  6   U   A "O5'" 
94  C "C5'" . U   A 6 ? 0.2435 0.2804 0.1695 0.0439  0.0373  0.0395  6   U   A "C5'" 
95  C "C4'" . U   A 6 ? 0.2247 0.2797 0.1843 0.0486  0.0360  0.0332  6   U   A "C4'" 
96  O "O4'" . U   A 6 ? 0.2172 0.2981 0.1806 0.0308  0.0321  0.0453  6   U   A "O4'" 
97  C "C3'" . U   A 6 ? 0.1938 0.2945 0.1644 0.0533  0.0306  0.0259  6   U   A "C3'" 
98  O "O3'" . U   A 6 ? 0.2057 0.3345 0.2247 0.0475  0.0317  -0.0172 6   U   A "O3'" 
99  C "C2'" . U   A 6 ? 0.2118 0.2831 0.1767 0.0413  0.0445  0.0477  6   U   A "C2'" 
100 O "O2'" . U   A 6 ? 0.2587 0.3073 0.2562 0.0940  0.0332  0.0213  6   U   A "O2'" 
101 C "C1'" . U   A 6 ? 0.2080 0.2325 0.2033 0.0382  0.0624  0.0340  6   U   A "C1'" 
102 N N1    . U   A 6 ? 0.2038 0.2058 0.2013 0.0188  0.0407  0.0266  6   U   A N1    
103 C C2    . U   A 6 ? 0.2222 0.2015 0.1858 -0.0061 -0.0305 -0.0155 6   U   A C2    
104 O O2    . U   A 6 ? 0.2629 0.2249 0.2210 0.0154  0.0227  -0.0180 6   U   A O2    
105 N N3    . U   A 6 ? 0.1628 0.2175 0.2225 0.0126  0.0178  -0.0029 6   U   A N3    
106 C C4    . U   A 6 ? 0.2169 0.2233 0.2040 -0.0173 -0.0039 0.0068  6   U   A C4    
107 O O4    . U   A 6 ? 0.2089 0.2587 0.2099 0.0101  -0.0065 -0.0161 6   U   A O4    
108 C C5    . U   A 6 ? 0.1972 0.2573 0.1687 -0.0261 0.0177  0.0413  6   U   A C5    
109 C C6    . U   A 6 ? 0.1902 0.2410 0.1750 0.0038  0.0358  0.0109  6   U   A C6    
110 P P     . C   A 7 ? 0.2000 0.3671 0.3034 -0.0081 0.0525  -0.0476 7   C   A P     
111 O OP1   . C   A 7 ? 0.2200 0.5933 0.3791 -0.0222 -0.0131 -0.0406 7   C   A OP1   
112 O OP2   . C   A 7 ? 0.2791 0.2648 0.3566 -0.0221 0.0588  -0.0714 7   C   A OP2   
113 O "O5'" . C   A 7 ? 0.1628 0.3350 0.3106 0.0216  0.0503  -0.0278 7   C   A "O5'" 
114 C "C5'" . C   A 7 ? 0.1800 0.2824 0.2405 0.0434  0.0381  0.0444  7   C   A "C5'" 
115 C "C4'" . C   A 7 ? 0.1665 0.2647 0.2557 0.0427  0.0526  0.0420  7   C   A "C4'" 
116 O "O4'" . C   A 7 ? 0.1826 0.2341 0.2432 0.0418  0.0279  0.0651  7   C   A "O4'" 
117 C "C3'" . C   A 7 ? 0.1966 0.3011 0.2357 0.0094  0.0595  0.0469  7   C   A "C3'" 
118 O "O3'" . C   A 7 ? 0.1889 0.2424 0.3155 0.0173  0.0831  0.0010  7   C   A "O3'" 
119 C "C2'" . C   A 7 ? 0.2023 0.2445 0.2331 0.0451  0.0573  0.0223  7   C   A "C2'" 
120 O "O2'" . C   A 7 ? 0.1943 0.1949 0.3468 0.0273  0.0886  0.0402  7   C   A "O2'" 
121 C "C1'" . C   A 7 ? 0.1885 0.2512 0.2605 0.0519  0.0381  0.0483  7   C   A "C1'" 
122 N N1    . C   A 7 ? 0.1987 0.1997 0.2413 0.0544  0.0406  0.0196  7   C   A N1    
123 C C2    . C   A 7 ? 0.1862 0.1982 0.2276 0.0469  0.0104  0.0169  7   C   A C2    
124 O O2    . C   A 7 ? 0.2639 0.2411 0.2455 0.0743  0.0422  0.0137  7   C   A O2    
125 N N3    . C   A 7 ? 0.1962 0.2043 0.2916 0.0472  0.0345  0.0390  7   C   A N3    
126 C C4    . C   A 7 ? 0.1601 0.2142 0.2076 0.0402  0.0171  0.0232  7   C   A C4    
127 N N4    . C   A 7 ? 0.2125 0.2822 0.2326 0.0561  0.0191  0.0480  7   C   A N4    
128 C C5    . C   A 7 ? 0.1817 0.2403 0.2468 0.0251  0.0022  0.0296  7   C   A C5    
129 C C6    . C   A 7 ? 0.2061 0.2304 0.2145 0.0475  0.0205  0.0510  7   C   A C6    
130 P P     . G   A 8 ? 0.2366 0.2683 0.3268 -0.0089 0.0990  -0.0435 8   G   A P     
131 O OP1   . G   A 8 ? 0.2313 0.2649 0.4793 -0.0595 0.1170  -0.1064 8   G   A OP1   
132 O OP2   . G   A 8 ? 0.3085 0.2359 0.3122 0.0247  0.1102  -0.0253 8   G   A OP2   
133 O "O5'" . G   A 8 ? 0.2951 0.2445 0.3182 -0.0644 0.1114  -0.0448 8   G   A "O5'" 
134 C "C5'" . G   A 8 ? 0.2125 0.3069 0.2679 0.0569  0.0578  0.0500  8   G   A "C5'" 
135 C "C4'" . G   A 8 ? 0.1999 0.3585 0.3365 0.0102  0.0235  0.1454  8   G   A "C4'" 
136 O "O4'" . G   A 8 ? 0.1961 0.4030 0.3765 0.0218  0.0252  0.1998  8   G   A "O4'" 
137 C "C3'" . G   A 8 ? 0.1913 0.3457 0.2743 -0.0210 -0.0110 0.1215  8   G   A "C3'" 
138 O "O3'" . G   A 8 ? 0.2195 0.2792 0.2509 -0.0263 -0.0053 0.0711  8   G   A "O3'" 
139 C "C2'" . G   A 8 ? 0.2091 0.3208 0.2778 -0.0283 -0.0275 0.1033  8   G   A "C2'" 
140 O "O2'" . G   A 8 ? 0.2341 0.2402 0.3674 -0.0321 0.0140  0.0700  8   G   A "O2'" 
141 C "C1'" . G   A 8 ? 0.1983 0.3782 0.3096 -0.0527 -0.0383 0.1228  8   G   A "C1'" 
142 N N9    . G   A 8 ? 0.1965 0.3303 0.2742 -0.0437 -0.0226 0.1250  8   G   A N9    
143 C C8    . G   A 8 ? 0.2694 0.4753 0.3041 -0.1205 0.0089  0.1108  8   G   A C8    
144 N N7    . G   A 8 ? 0.2814 0.4015 0.2481 -0.0814 -0.0258 0.0928  8   G   A N7    
145 C C5    . G   A 8 ? 0.2001 0.4125 0.2783 -0.0760 -0.0634 0.1318  8   G   A C5    
146 C C6    . G   A 8 ? 0.2820 0.3453 0.3122 -0.0465 -0.1002 0.1039  8   G   A C6    
147 O O6    . G   A 8 ? 0.2550 0.2827 0.4383 -0.1154 -0.0794 0.0325  8   G   A O6    
148 N N1    . G   A 8 ? 0.1710 0.2432 0.3309 -0.0523 -0.0084 0.0710  8   G   A N1    
149 C C2    . G   A 8 ? 0.2235 0.2725 0.3660 -0.0559 -0.0409 0.1211  8   G   A C2    
150 N N2    . G   A 8 ? 0.2173 0.1874 0.3127 -0.0502 -0.0841 0.0497  8   G   A N2    
151 N N3    . G   A 8 ? 0.1559 0.2432 0.4479 -0.0240 0.0058  0.1318  8   G   A N3    
152 C C4    . G   A 8 ? 0.2485 0.3291 0.2506 -0.0810 -0.1033 0.1057  8   G   A C4    
153 P P     . DC  A 9 ? 0.2035 0.2824 0.2218 -0.0211 0.0040  0.0278  9   DC  A P     
154 O OP1   . DC  A 9 ? 0.2082 0.2334 0.2293 -0.0076 0.0251  0.0013  9   DC  A OP1   
155 O OP2   . DC  A 9 ? 0.2682 0.3899 0.2367 -0.0215 0.0348  -0.0194 9   DC  A OP2   
156 O "O5'" . DC  A 9 ? 0.1904 0.2767 0.2352 0.0062  0.0412  0.0343  9   DC  A "O5'" 
157 C "C5'" . DC  A 9 ? 0.2524 0.2830 0.2275 0.0853  0.0318  0.0500  9   DC  A "C5'" 
158 C "C4'" . DC  A 9 ? 0.2036 0.2130 0.3077 0.0399  0.0123  0.0321  9   DC  A "C4'" 
159 O "O4'" . DC  A 9 ? 0.2154 0.1647 0.2813 0.0091  0.0230  0.0155  9   DC  A "O4'" 
160 C "C3'" . DC  A 9 ? 0.2200 0.1928 0.2917 0.0242  0.0711  0.0439  9   DC  A "C3'" 
161 O "O3'" . DC  A 9 ? 0.3163 0.2497 0.3698 -0.0106 0.1337  0.0373  9   DC  A "O3'" 
162 C "C2'" . DC  A 9 ? 0.2357 0.1800 0.2541 0.0581  0.0534  0.0304  9   DC  A "C2'" 
163 C "C1'" . DC  A 9 ? 0.2080 0.1431 0.2319 0.0240  -0.0164 0.0015  9   DC  A "C1'" 
164 N N1    . DC  A 9 ? 0.1967 0.1435 0.2179 -0.0189 0.0239  -0.0176 9   DC  A N1    
165 C C2    . DC  A 9 ? 0.2353 0.1389 0.1811 -0.0113 0.0120  -0.0082 9   DC  A C2    
166 O O2    . DC  A 9 ? 0.2105 0.2030 0.2004 0.0169  0.0132  0.0091  9   DC  A O2    
167 N N3    . DC  A 9 ? 0.1991 0.1671 0.2346 -0.0160 -0.0206 0.0397  9   DC  A N3    
168 C C4    . DC  A 9 ? 0.2294 0.1830 0.2434 0.0047  -0.0020 0.0202  9   DC  A C4    
169 N N4    . DC  A 9 ? 0.3172 0.2187 0.2112 0.0003  0.0210  -0.0078 9   DC  A N4    
170 C C5    . DC  A 9 ? 0.1838 0.2515 0.2403 0.0098  -0.0221 0.0288  9   DC  A C5    
171 C C6    . DC  A 9 ? 0.1918 0.2029 0.2305 0.0182  -0.0426 0.0386  9   DC  A C6    
172 O "O3'" . DC  B 1 ? 0.6668 0.3480 0.2966 0.1384  -0.0685 -0.0181 10  DC  B "O3'" 
173 P P     . G   B 2 ? 0.3940 0.3098 0.3298 0.0311  0.1435  0.0483  11  G   B P     
174 O OP1   . G   B 2 ? 0.5556 0.5223 0.5823 -0.1472 0.2825  0.1088  11  G   B OP1   
175 O OP2   . G   B 2 ? 0.6111 0.3651 0.3195 0.1456  0.1464  0.1395  11  G   B OP2   
176 O "O5'" . G   B 2 ? 0.2347 0.2737 0.3117 0.0382  0.0924  0.0463  11  G   B "O5'" 
177 C "C5'" . G   B 2 ? 0.2414 0.2013 0.3048 0.0295  0.1011  0.0166  11  G   B "C5'" 
178 C "C4'" . G   B 2 ? 0.2105 0.1819 0.2686 0.0103  0.0749  -0.0081 11  G   B "C4'" 
179 O "O4'" . G   B 2 ? 0.2301 0.1341 0.3559 -0.0125 0.1314  -0.0088 11  G   B "O4'" 
180 C "C3'" . G   B 2 ? 0.1893 0.1715 0.2286 -0.0072 0.0353  0.0078  11  G   B "C3'" 
181 O "O3'" . G   B 2 ? 0.2009 0.1672 0.2606 0.0077  0.0271  0.0139  11  G   B "O3'" 
182 C "C2'" . G   B 2 ? 0.1899 0.1352 0.2367 -0.0039 0.0385  0.0182  11  G   B "C2'" 
183 O "O2'" . G   B 2 ? 0.2005 0.1844 0.2197 0.0303  0.0462  0.0435  11  G   B "O2'" 
184 C "C1'" . G   B 2 ? 0.1837 0.1657 0.2465 0.0095  0.0503  0.0015  11  G   B "C1'" 
185 N N9    . G   B 2 ? 0.2243 0.1633 0.2067 -0.0133 0.0447  -0.0064 11  G   B N9    
186 C C8    . G   B 2 ? 0.1938 0.2078 0.2741 -0.0192 0.0415  -0.0230 11  G   B C8    
187 N N7    . G   B 2 ? 0.2186 0.2583 0.2031 0.0094  0.0275  -0.0056 11  G   B N7    
188 C C5    . G   B 2 ? 0.1878 0.1754 0.2437 -0.0342 0.0319  0.0032  11  G   B C5    
189 C C6    . G   B 2 ? 0.2009 0.1659 0.2106 -0.0300 0.0055  -0.0074 11  G   B C6    
190 O O6    . G   B 2 ? 0.2055 0.2438 0.2169 -0.0246 0.0103  -0.0022 11  G   B O6    
191 N N1    . G   B 2 ? 0.2041 0.1725 0.1971 -0.0145 0.0244  0.0114  11  G   B N1    
192 C C2    . G   B 2 ? 0.1808 0.1320 0.2594 -0.0298 -0.0382 0.0406  11  G   B C2    
193 N N2    . G   B 2 ? 0.2139 0.1604 0.1959 -0.0007 0.0304  0.0005  11  G   B N2    
194 N N3    . G   B 2 ? 0.1935 0.1351 0.2400 -0.0060 0.0350  -0.0020 11  G   B N3    
195 C C4    . G   B 2 ? 0.1676 0.1635 0.2274 -0.0250 0.0328  -0.0062 11  G   B C4    
196 P P     . U   B 3 ? 0.2401 0.1893 0.2835 -0.0432 0.0457  0.0120  12  U   B P     
197 O OP1   . U   B 3 ? 0.2595 0.2832 0.4294 -0.0839 -0.0050 0.0245  12  U   B OP1   
198 O OP2   . U   B 3 ? 0.3603 0.2131 0.3103 -0.0937 0.0746  0.0431  12  U   B OP2   
199 O "O5'" . U   B 3 ? 0.2761 0.1664 0.2361 -0.0024 -0.0322 0.0151  12  U   B "O5'" 
200 C "C5'" . U   B 3 ? 0.2690 0.1808 0.2684 0.0441  0.0268  0.0312  12  U   B "C5'" 
201 C "C4'" . U   B 3 ? 0.2627 0.1695 0.2440 0.0292  -0.0254 0.0034  12  U   B "C4'" 
202 O "O4'" . U   B 3 ? 0.2488 0.1447 0.2523 -0.0124 -0.0008 0.0028  12  U   B "O4'" 
203 C "C3'" . U   B 3 ? 0.2368 0.1342 0.2363 0.0031  -0.0056 -0.0035 12  U   B "C3'" 
204 O "O3'" . U   B 3 ? 0.2207 0.1858 0.2560 0.0219  -0.0491 -0.0129 12  U   B "O3'" 
205 C "C2'" . U   B 3 ? 0.2126 0.1584 0.2397 -0.0130 -0.0308 0.0077  12  U   B "C2'" 
206 O "O2'" . U   B 3 ? 0.2275 0.1946 0.2725 -0.0150 -0.0133 -0.0549 12  U   B "O2'" 
207 C "C1'" . U   B 3 ? 0.2508 0.1562 0.2149 -0.0144 -0.0121 -0.0013 12  U   B "C1'" 
208 N N1    . U   B 3 ? 0.2878 0.1492 0.2563 -0.0475 -0.0704 0.0215  12  U   B N1    
209 C C2    . U   B 3 ? 0.2524 0.1738 0.2308 -0.0309 -0.0077 0.0154  12  U   B C2    
210 O O2    . U   B 3 ? 0.2431 0.1933 0.2563 -0.0451 -0.0012 0.0083  12  U   B O2    
211 N N3    . U   B 3 ? 0.2831 0.2393 0.2242 -0.0762 -0.0589 0.0286  12  U   B N3    
212 C C4    . U   B 3 ? 0.2664 0.2517 0.2389 -0.0790 0.0398  0.0176  12  U   B C4    
213 O O4    . U   B 3 ? 0.3750 0.3160 0.2290 -0.0788 0.0233  0.0387  12  U   B O4    
214 C C5    . U   B 3 ? 0.3718 0.1998 0.2190 -0.0306 0.0332  0.0370  12  U   B C5    
215 C C6    . U   B 3 ? 0.4030 0.1552 0.2107 0.0009  0.0546  0.0004  12  U   B C6    
216 P P     . G   B 4 ? 0.1787 0.1872 0.3036 -0.0016 -0.0185 -0.0309 13  G   B P     
217 O OP1   . G   B 4 ? 0.1998 0.2292 0.3753 0.0038  -0.0687 -0.0710 13  G   B OP1   
218 O OP2   . G   B 4 ? 0.2805 0.1798 0.2786 -0.0066 0.0344  -0.0358 13  G   B OP2   
219 O "O5'" . G   B 4 ? 0.2015 0.1853 0.2334 0.0318  -0.0290 -0.0237 13  G   B "O5'" 
220 C "C5'" . G   B 4 ? 0.2170 0.1882 0.2324 0.0270  -0.0419 -0.0040 13  G   B "C5'" 
221 C "C4'" . G   B 4 ? 0.1968 0.1600 0.2187 0.0065  0.0164  0.0256  13  G   B "C4'" 
222 O "O4'" . G   B 4 ? 0.2241 0.1698 0.2342 -0.0130 -0.0222 0.0172  13  G   B "O4'" 
223 C "C3'" . G   B 4 ? 0.2126 0.1614 0.2374 -0.0093 -0.0156 0.0285  13  G   B "C3'" 
224 O "O3'" . G   B 4 ? 0.2616 0.1714 0.2609 0.0022  -0.0261 -0.0098 13  G   B "O3'" 
225 C "C2'" . G   B 4 ? 0.2325 0.1654 0.2301 0.0213  0.0247  0.0092  13  G   B "C2'" 
226 O "O2'" . G   B 4 ? 0.2719 0.1784 0.2444 0.0172  0.0424  0.0015  13  G   B "O2'" 
227 C "C1'" . G   B 4 ? 0.2113 0.1687 0.2312 0.0275  -0.0068 -0.0054 13  G   B "C1'" 
228 N N9    . G   B 4 ? 0.1828 0.1486 0.2346 0.0111  -0.0113 0.0090  13  G   B N9    
229 C C8    . G   B 4 ? 0.1900 0.1631 0.3122 -0.0116 -0.0350 0.0379  13  G   B C8    
230 N N7    . G   B 4 ? 0.1743 0.1742 0.2390 0.0057  -0.0209 -0.0066 13  G   B N7    
231 C C5    . G   B 4 ? 0.1680 0.1851 0.2263 -0.0039 -0.0166 0.0218  13  G   B C5    
232 C C6    . G   B 4 ? 0.1808 0.1874 0.2112 0.0204  0.0058  0.0157  13  G   B C6    
233 O O6    . G   B 4 ? 0.1985 0.1896 0.2537 0.0229  0.0167  0.0065  13  G   B O6    
234 N N1    . G   B 4 ? 0.1932 0.2062 0.2266 -0.0022 -0.0053 0.0449  13  G   B N1    
235 C C2    . G   B 4 ? 0.1945 0.1826 0.1968 0.0038  0.0152  -0.0108 13  G   B C2    
236 N N2    . G   B 4 ? 0.1941 0.1901 0.2422 0.0367  -0.0062 -0.0003 13  G   B N2    
237 N N3    . G   B 4 ? 0.1961 0.1862 0.1877 0.0176  0.0129  0.0126  13  G   B N3    
238 C C4    . G   B 4 ? 0.1780 0.1973 0.2004 -0.0005 -0.0188 0.0240  13  G   B C4    
239 P P     . A   B 5 ? 0.2443 0.1693 0.3151 -0.0119 -0.0658 0.0200  14  A   B P     
240 O OP1   . A   B 5 ? 0.3471 0.2122 0.4009 -0.0085 -0.1592 0.0204  14  A   B OP1   
241 O OP2   . A   B 5 ? 0.2140 0.1579 0.4420 -0.0092 0.0194  0.0369  14  A   B OP2   
242 O "O5'" . A   B 5 ? 0.2295 0.1765 0.2075 -0.0009 -0.0254 -0.0113 14  A   B "O5'" 
243 C "C5'" . A   B 5 ? 0.3595 0.1655 0.1833 0.0538  -0.0432 -0.0207 14  A   B "C5'" 
244 C "C4'" . A   B 5 ? 0.2621 0.1644 0.1793 -0.0077 -0.0024 0.0047  14  A   B "C4'" 
245 O "O4'" . A   B 5 ? 0.2290 0.1655 0.1763 0.0012  0.0199  0.0077  14  A   B "O4'" 
246 C "C3'" . A   B 5 ? 0.1934 0.1486 0.1762 0.0039  -0.0058 0.0014  14  A   B "C3'" 
247 O "O3'" . A   B 5 ? 0.1841 0.1611 0.1837 -0.0035 0.0102  0.0045  14  A   B "O3'" 
248 C "C2'" . A   B 5 ? 0.1955 0.1407 0.2154 -0.0174 -0.0164 0.0057  14  A   B "C2'" 
249 O "O2'" . A   B 5 ? 0.1888 0.1523 0.2684 -0.0002 0.0028  0.0157  14  A   B "O2'" 
250 C "C1'" . A   B 5 ? 0.2061 0.1618 0.1984 -0.0020 0.0092  -0.0119 14  A   B "C1'" 
251 N N9    . A   B 5 ? 0.2270 0.1766 0.1565 -0.0295 -0.0039 0.0062  14  A   B N9    
252 C C8    . A   B 5 ? 0.2017 0.1490 0.2244 -0.0112 -0.0033 0.0001  14  A   B C8    
253 N N7    . A   B 5 ? 0.1991 0.1767 0.2315 -0.0176 -0.0004 0.0040  14  A   B N7    
254 C C5    . A   B 5 ? 0.1749 0.1849 0.2031 -0.0094 0.0005  -0.0061 14  A   B C5    
255 C C6    . A   B 5 ? 0.2266 0.1815 0.2209 -0.0011 0.0453  -0.0189 14  A   B C6    
256 N N6    . A   B 5 ? 0.2463 0.2240 0.2275 -0.0152 0.0201  -0.0356 14  A   B N6    
257 N N1    . A   B 5 ? 0.2158 0.2169 0.1774 0.0252  -0.0075 -0.0078 14  A   B N1    
258 C C2    . A   B 5 ? 0.1720 0.2885 0.2253 0.0343  -0.0194 0.0030  14  A   B C2    
259 N N3    . A   B 5 ? 0.2348 0.1470 0.1925 -0.0046 0.0011  -0.0128 14  A   B N3    
260 C C4    . A   B 5 ? 0.1943 0.1902 0.2184 0.0075  0.0113  -0.0013 14  A   B C4    
261 P P     . U   B 6 ? 0.1735 0.1784 0.1884 -0.0059 0.0084  0.0097  15  U   B P     
262 O OP1   . U   B 6 ? 0.1906 0.1838 0.1829 -0.0230 0.0098  0.0068  15  U   B OP1   
263 O OP2   . U   B 6 ? 0.1816 0.2203 0.2080 0.0212  0.0237  0.0098  15  U   B OP2   
264 O "O5'" . U   B 6 ? 0.1994 0.1691 0.1994 -0.0048 0.0203  0.0068  15  U   B "O5'" 
265 C "C5'" . U   B 6 ? 0.1746 0.2031 0.1605 -0.0071 0.0054  0.0181  15  U   B "C5'" 
266 C "C4'" . U   B 6 ? 0.1847 0.2046 0.1526 -0.0261 0.0220  -0.0027 15  U   B "C4'" 
267 O "O4'" . U   B 6 ? 0.2065 0.1764 0.1649 -0.0101 0.0232  0.0003  15  U   B "O4'" 
268 C "C3'" . U   B 6 ? 0.2019 0.1938 0.1857 -0.0152 0.0396  0.0265  15  U   B "C3'" 
269 O "O3'" . U   B 6 ? 0.2099 0.1893 0.2301 -0.0480 -0.0110 0.0359  15  U   B "O3'" 
270 C "C2'" . U   B 6 ? 0.2634 0.1895 0.1720 0.0004  0.0359  -0.0061 15  U   B "C2'" 
271 O "O2'" . U   B 6 ? 0.2330 0.2349 0.1582 -0.0223 0.0054  0.0143  15  U   B "O2'" 
272 C "C1'" . U   B 6 ? 0.2389 0.2169 0.1507 -0.0187 0.0494  -0.0151 15  U   B "C1'" 
273 N N1    . U   B 6 ? 0.2276 0.2057 0.1737 -0.0298 0.0519  -0.0457 15  U   B N1    
274 C C2    . U   B 6 ? 0.2214 0.3458 0.1601 -0.0730 0.0400  -0.0573 15  U   B C2    
275 O O2    . U   B 6 ? 0.2371 0.2625 0.1859 -0.0347 0.0302  -0.0675 15  U   B O2    
276 N N3    . U   B 6 ? 0.2102 0.2236 0.1851 -0.0258 0.0506  -0.0412 15  U   B N3    
277 C C4    . U   B 6 ? 0.2024 0.2727 0.2448 -0.0228 0.0345  -0.0751 15  U   B C4    
278 O O4    . U   B 6 ? 0.3223 0.2502 0.2065 0.0246  0.0523  -0.0258 15  U   B O4    
279 C C5    . U   B 6 ? 0.2191 0.2311 0.2289 -0.0392 0.0515  -0.0536 15  U   B C5    
280 C C6    . U   B 6 ? 0.2056 0.1943 0.2114 -0.0370 0.0238  0.0015  15  U   B C6    
281 P P     . C   B 7 ? 0.2502 0.2386 0.2295 -0.0686 0.0208  0.0226  16  C   B P     
282 O OP1   . C   B 7 ? 0.3088 0.2308 0.2567 -0.0804 -0.0019 0.0167  16  C   B OP1   
283 O OP2   . C   B 7 ? 0.2190 0.3423 0.2934 -0.0443 -0.0058 0.0448  16  C   B OP2   
284 O "O5'" . C   B 7 ? 0.2818 0.2267 0.2325 -0.0291 -0.0135 0.0252  16  C   B "O5'" 
285 C "C5'" . C   B 7 ? 0.2538 0.2657 0.2072 0.0047  0.0153  -0.0607 16  C   B "C5'" 
286 C "C4'" . C   B 7 ? 0.3298 0.2091 0.1571 0.0054  0.0646  -0.0182 16  C   B "C4'" 
287 O "O4'" . C   B 7 ? 0.4041 0.2178 0.1940 -0.0402 0.1176  -0.0379 16  C   B "O4'" 
288 C "C3'" . C   B 7 ? 0.3592 0.1987 0.1801 -0.0594 0.0893  -0.0306 16  C   B "C3'" 
289 O "O3'" . C   B 7 ? 0.2672 0.1811 0.1753 -0.0308 0.0466  -0.0211 16  C   B "O3'" 
290 C "C2'" . C   B 7 ? 0.3096 0.1946 0.1883 -0.0500 0.0706  -0.0360 16  C   B "C2'" 
291 O "O2'" . C   B 7 ? 0.3504 0.1847 0.1880 -0.0385 0.0821  -0.0179 16  C   B "O2'" 
292 C "C1'" . C   B 7 ? 0.3101 0.1957 0.1756 -0.0252 0.0900  -0.0244 16  C   B "C1'" 
293 N N1    . C   B 7 ? 0.3001 0.2117 0.1939 -0.0409 0.0787  -0.0278 16  C   B N1    
294 C C2    . C   B 7 ? 0.2614 0.2660 0.1601 -0.0242 0.0252  0.0242  16  C   B C2    
295 O O2    . C   B 7 ? 0.2516 0.1859 0.1872 -0.0259 0.0397  -0.0121 16  C   B O2    
296 N N3    . C   B 7 ? 0.2385 0.2332 0.1646 -0.0536 0.0360  -0.0093 16  C   B N3    
297 C C4    . C   B 7 ? 0.3443 0.2598 0.1836 -0.1172 0.0438  -0.0095 16  C   B C4    
298 N N4    . C   B 7 ? 0.2685 0.2630 0.1635 -0.0510 -0.0055 0.0085  16  C   B N4    
299 C C5    . C   B 7 ? 0.3470 0.2951 0.1583 -0.0856 0.0304  -0.0216 16  C   B C5    
300 C C6    . C   B 7 ? 0.3202 0.3017 0.1508 -0.0874 0.0271  -0.0054 16  C   B C6    
301 P P     . G   B 8 ? 0.2985 0.1976 0.1648 -0.0468 0.0365  -0.0150 17  G   B P     
302 O OP1   . G   B 8 ? 0.3700 0.1862 0.2266 -0.0736 0.0784  -0.0398 17  G   B OP1   
303 O OP2   . G   B 8 ? 0.2612 0.2690 0.2323 -0.0762 -0.0159 -0.0302 17  G   B OP2   
304 O "O5'" . G   B 8 ? 0.2378 0.1879 0.1370 -0.0004 0.0074  -0.0009 17  G   B "O5'" 
305 C "C5'" . G   B 8 ? 0.2177 0.1765 0.1629 0.0231  0.0289  -0.0084 17  G   B "C5'" 
306 C "C4'" . G   B 8 ? 0.1833 0.1628 0.1687 0.0088  0.0242  0.0047  17  G   B "C4'" 
307 O "O4'" . G   B 8 ? 0.2013 0.1466 0.1518 0.0015  0.0138  0.0100  17  G   B "O4'" 
308 C "C3'" . G   B 8 ? 0.1831 0.1555 0.1447 0.0039  0.0149  0.0125  17  G   B "C3'" 
309 O "O3'" . G   B 8 ? 0.1827 0.1442 0.1584 0.0171  0.0134  0.0128  17  G   B "O3'" 
310 C "C2'" . G   B 8 ? 0.1523 0.1426 0.1600 0.0058  -0.0050 0.0022  17  G   B "C2'" 
311 O "O2'" . G   B 8 ? 0.1669 0.1554 0.1469 0.0044  0.0053  0.0007  17  G   B "O2'" 
312 C "C1'" . G   B 8 ? 0.1466 0.1617 0.1789 0.0128  -0.0014 0.0126  17  G   B "C1'" 
313 N N9    . G   B 8 ? 0.1771 0.1549 0.1455 -0.0128 -0.0052 0.0008  17  G   B N9    
314 C C8    . G   B 8 ? 0.1817 0.2220 0.1321 -0.0133 0.0001  0.0137  17  G   B C8    
315 N N7    . G   B 8 ? 0.2068 0.1568 0.1578 0.0012  -0.0080 0.0030  17  G   B N7    
316 C C5    . G   B 8 ? 0.1819 0.1644 0.1562 -0.0053 0.0073  0.0169  17  G   B C5    
317 C C6    . G   B 8 ? 0.1642 0.1508 0.1711 -0.0034 -0.0122 0.0210  17  G   B C6    
318 O O6    . G   B 8 ? 0.1742 0.1534 0.1779 -0.0142 -0.0159 0.0214  17  G   B O6    
319 N N1    . G   B 8 ? 0.1565 0.1469 0.1894 0.0039  -0.0080 -0.0102 17  G   B N1    
320 C C2    . G   B 8 ? 0.1405 0.1701 0.1453 -0.0023 -0.0095 0.0120  17  G   B C2    
321 N N2    . G   B 8 ? 0.1730 0.1710 0.1530 0.0024  -0.0227 -0.0055 17  G   B N2    
322 N N3    . G   B 8 ? 0.1572 0.1506 0.1645 0.0007  0.0037  0.0077  17  G   B N3    
323 C C4    . G   B 8 ? 0.1440 0.1527 0.1669 0.0010  -0.0101 0.0022  17  G   B C4    
324 P P     . DC  B 9 ? 0.1824 0.1492 0.1845 0.0033  0.0221  -0.0039 18  DC  B P     
325 O OP1   . DC  B 9 ? 0.1834 0.1373 0.2279 0.0048  0.0387  0.0224  18  DC  B OP1   
326 O OP2   . DC  B 9 ? 0.1870 0.1858 0.2024 0.0031  0.0062  -0.0307 18  DC  B OP2   
327 O "O5'" . DC  B 9 ? 0.1678 0.1511 0.1733 0.0123  0.0137  0.0068  18  DC  B "O5'" 
328 C "C5'" . DC  B 9 ? 0.1779 0.1587 0.1486 0.0116  0.0000  -0.0005 18  DC  B "C5'" 
329 C "C4'" . DC  B 9 ? 0.1491 0.1477 0.1717 0.0010  0.0215  0.0141  18  DC  B "C4'" 
330 O "O4'" . DC  B 9 ? 0.1585 0.1491 0.1760 0.0089  -0.0001 0.0200  18  DC  B "O4'" 
331 C "C3'" . DC  B 9 ? 0.1509 0.1614 0.2066 0.0092  0.0076  0.0049  18  DC  B "C3'" 
332 O "O3'" . DC  B 9 ? 0.1790 0.1892 0.2147 0.0092  0.0422  0.0412  18  DC  B "O3'" 
333 C "C2'" . DC  B 9 ? 0.1593 0.1369 0.1842 0.0043  0.0075  0.0244  18  DC  B "C2'" 
334 C "C1'" . DC  B 9 ? 0.1389 0.1406 0.1716 0.0191  0.0090  -0.0012 18  DC  B "C1'" 
335 N N1    . DC  B 9 ? 0.1585 0.1505 0.1652 0.0022  -0.0050 -0.0010 18  DC  B N1    
336 C C2    . DC  B 9 ? 0.1636 0.1453 0.1554 -0.0113 0.0069  -0.0050 18  DC  B C2    
337 O O2    . DC  B 9 ? 0.1565 0.1366 0.1674 0.0047  -0.0016 -0.0074 18  DC  B O2    
338 N N3    . DC  B 9 ? 0.1565 0.1582 0.1565 -0.0107 -0.0053 -0.0006 18  DC  B N3    
339 C C4    . DC  B 9 ? 0.1698 0.1475 0.1739 -0.0030 -0.0001 -0.0027 18  DC  B C4    
340 N N4    . DC  B 9 ? 0.1807 0.2171 0.1780 -0.0277 -0.0065 0.0076  18  DC  B N4    
341 C C5    . DC  B 9 ? 0.1677 0.1739 0.1602 0.0051  0.0048  -0.0137 18  DC  B C5    
342 C C6    . DC  B 9 ? 0.1775 0.1500 0.1620 0.0136  0.0079  -0.0146 18  DC  B C6    
343 S S     . SO4 C . ? 0.1698 0.1716 0.1533 0.0177  -0.0024 -0.0025 19  SO4 B S     
344 O O1    . SO4 C . ? 0.1175 0.1582 0.1053 0.0353  -0.0057 -0.0162 19  SO4 B O1    
345 O O2    . SO4 C . ? 0.1469 0.1577 0.0991 -0.0024 0.0116  0.0079  19  SO4 B O2    
346 O O3    . SO4 C . ? 0.1655 0.2138 0.2824 0.0706  -0.0836 -0.0878 19  SO4 B O3    
347 O O4    . SO4 C . ? 0.1123 0.1479 0.6382 0.0102  -0.0739 0.0514  19  SO4 B O4    
348 O O     . HOH D . ? 0.2069 0.2092 0.1859 0.0225  -0.0030 -0.0032 101 HOH A O     
349 O O     . HOH D . ? 0.1892 0.1892 0.1602 0.0172  -0.0175 -0.0013 105 HOH A O     
350 O O     . HOH D . ? 0.2316 0.1979 0.1915 -0.0029 -0.0107 0.0003  108 HOH A O     
351 O O     . HOH D . ? 0.2645 0.3605 0.2405 -0.0234 0.0569  -0.0381 113 HOH A O     
352 O O     . HOH D . ? 0.3959 0.2967 0.2126 -0.0127 -0.0218 -0.0448 114 HOH A O     
353 O O     . HOH D . ? 0.2958 0.2940 0.5320 0.0709  0.0190  -0.1481 116 HOH A O     
354 O O     . HOH D . ? 0.2995 0.1815 0.1745 0.0271  -0.0228 -0.0190 118 HOH A O     
355 O O     . HOH D . ? 0.3632 0.2712 0.2688 0.1224  0.0451  0.0044  119 HOH A O     
356 O O     . HOH D . ? 0.3108 0.2692 0.2559 0.0028  -0.0016 -0.0056 120 HOH A O     
357 O O     . HOH D . ? 0.4920 0.4914 0.4970 -0.0054 0.0007  0.0008  123 HOH A O     
358 O O     . HOH D . ? 0.5510 0.7198 0.2550 0.0434  -0.1359 -0.0583 124 HOH A O     
359 O O     . HOH D . ? 0.1727 0.2292 0.3369 0.0236  0.0340  -0.0156 129 HOH A O     
360 O O     . HOH D . ? 0.2188 0.2742 0.1561 -0.0312 0.0125  -0.0274 130 HOH A O     
361 O O     . HOH D . ? 0.1319 0.2604 0.2829 0.0359  -0.0158 0.0714  131 HOH A O     
362 O O     . HOH D . ? 0.2945 0.3059 0.1925 0.1097  -0.0148 -0.0156 133 HOH A O     
363 O O     . HOH D . ? 0.4277 0.3130 0.3046 0.0198  -0.0274 0.0841  134 HOH A O     
364 O O     . HOH D . ? 0.3670 0.3151 0.2847 -0.0675 -0.0469 0.0389  135 HOH A O     
365 O O     . HOH D . ? 0.6052 0.2189 0.5134 0.1274  0.1366  0.0185  137 HOH A O     
366 O O     . HOH D . ? 0.5019 0.6758 0.4149 0.1466  -0.1291 0.1677  140 HOH A O     
367 O O     . HOH D . ? 0.2462 0.4992 0.4894 0.0552  -0.0451 -0.0606 141 HOH A O     
368 O O     . HOH D . ? 0.3604 0.6510 0.4800 -0.0292 0.0777  -0.0602 142 HOH A O     
369 O O     . HOH D . ? 0.5461 0.4539 0.3629 0.0587  -0.0320 0.0632  143 HOH A O     
370 O O     . HOH D . ? 0.4474 0.2942 0.4559 -0.0043 0.1314  0.0442  146 HOH A O     
371 O O     . HOH D . ? 0.3499 0.4782 0.2838 -0.0194 0.0088  0.0707  147 HOH A O     
372 O O     . HOH D . ? 0.6174 0.2960 0.3872 -0.0069 -0.1300 0.0428  148 HOH A O     
373 O O     . HOH D . ? 0.3420 0.4016 0.3905 -0.0044 -0.0254 0.1332  149 HOH A O     
374 O O     . HOH D . ? 0.6247 0.8737 0.3059 0.0232  -0.1548 0.0943  151 HOH A O     
375 O O     . HOH D . ? 0.4224 0.4387 0.2754 0.1580  -0.0213 -0.0224 153 HOH A O     
376 O O     . HOH D . ? 0.5099 0.5886 0.3873 -0.0292 0.1449  0.0302  155 HOH A O     
377 O O     . HOH D . ? 0.5110 0.4100 0.4223 0.0295  -0.0255 0.0542  156 HOH A O     
378 O O     . HOH D . ? 0.4839 0.3509 0.7093 0.0538  0.0015  -0.2102 157 HOH A O     
379 O O     . HOH D . ? 0.2168 0.4221 0.4885 -0.0095 0.0385  0.0163  158 HOH A O     
380 O O     . HOH D . ? 0.4622 0.4496 0.3202 0.0927  -0.0557 0.1039  160 HOH A O     
381 O O     . HOH D . ? 0.4818 0.4119 0.6413 0.1722  0.0451  -0.0088 161 HOH A O     
382 O O     . HOH D . ? 0.3892 0.7658 0.6385 0.0035  -0.0021 -0.0400 163 HOH A O     
383 O O     . HOH D . ? 0.5146 0.6247 0.4558 -0.0322 -0.0516 -0.1178 165 HOH A O     
384 O O     . HOH D . ? 0.6113 0.3496 0.5375 0.0355  -0.0461 -0.0224 166 HOH A O     
385 O O     . HOH D . ? 0.3760 0.4845 0.4827 0.1220  -0.0863 0.0930  167 HOH A O     
386 O O     . HOH D . ? 0.8125 0.4519 0.6207 0.0609  0.1563  0.2612  168 HOH A O     
387 O O     . HOH D . ? 0.3039 0.6082 0.5855 -0.1285 -0.0868 -0.1912 170 HOH A O     
388 O O     . HOH D . ? 0.6782 0.4698 0.3079 0.0090  -0.1550 -0.0593 171 HOH A O     
389 O O     . HOH D . ? 0.3254 0.1943 0.2697 -0.0052 0.0346  -0.0324 173 HOH A O     
390 O O     . HOH D . ? 0.5839 0.6299 0.5981 -0.0462 -0.0723 -0.1287 178 HOH A O     
391 O O     . HOH D . ? 0.4306 0.8383 0.7583 0.0007  -0.0240 -0.1136 181 HOH A O     
392 O O     . HOH D . ? 0.3447 0.6788 0.5757 0.0381  -0.0479 -0.1212 184 HOH A O     
393 O O     . HOH E . ? 0.1814 0.1818 0.1774 0.0043  -0.0006 -0.0006 102 HOH B O     
394 O O     . HOH E . ? 0.1861 0.1421 0.1553 0.0103  0.0013  0.0050  103 HOH B O     
395 O O     . HOH E . ? 0.2033 0.2053 0.1852 0.0195  -0.0026 -0.0028 104 HOH B O     
396 O O     . HOH E . ? 0.2028 0.2474 0.2076 0.0603  -0.0114 -0.0083 106 HOH B O     
397 O O     . HOH E . ? 0.1993 0.1989 0.2029 -0.0039 0.0005  0.0005  107 HOH B O     
398 O O     . HOH E . ? 0.2574 0.2546 0.2482 0.0179  -0.0967 -0.0063 109 HOH B O     
399 O O     . HOH E . ? 0.2229 0.1989 0.3636 0.0070  -0.0044 0.0226  110 HOH B O     
400 O O     . HOH E . ? 0.3068 0.2466 0.1163 -0.0778 -0.0468 0.0298  111 HOH B O     
401 O O     . HOH E . ? 0.1934 0.4498 0.3017 0.0386  -0.0089 0.0499  112 HOH B O     
402 O O     . HOH E . ? 0.3325 0.2210 0.3387 0.0585  0.0244  0.0400  115 HOH B O     
403 O O     . HOH E . ? 0.3073 0.2614 0.1630 -0.0658 -0.1182 0.0295  117 HOH B O     
404 O O     . HOH E . ? 0.4819 0.2264 0.2676 -0.0487 0.0208  0.0066  121 HOH B O     
405 O O     . HOH E . ? 0.4169 0.3254 0.3913 0.1090  0.0587  -0.0044 122 HOH B O     
406 O O     . HOH E . ? 0.3282 0.2282 0.2876 0.0052  0.0211  0.0375  125 HOH B O     
407 O O     . HOH E . ? 0.1950 0.3443 0.2677 0.0174  -0.0678 -0.0450 126 HOH B O     
408 O O     . HOH E . ? 0.2620 0.3105 0.5878 -0.0844 0.0284  -0.0089 127 HOH B O     
409 O O     . HOH E . ? 0.4370 0.2988 0.3147 0.1027  0.0162  0.0491  128 HOH B O     
410 O O     . HOH E . ? 0.4892 0.2385 0.3342 -0.0498 0.2057  -0.0655 132 HOH B O     
411 O O     . HOH E . ? 0.4428 0.4286 0.4991 -0.0715 0.0707  -0.1761 136 HOH B O     
412 O O     . HOH E . ? 0.2816 0.2788 0.2415 0.0938  0.0298  -0.0109 138 HOH B O     
413 O O     . HOH E . ? 0.3540 0.3880 0.5037 -0.0404 -0.0325 -0.1289 139 HOH B O     
414 O O     . HOH E . ? 0.4465 0.2423 0.5258 0.1197  0.0929  0.0605  144 HOH B O     
415 O O     . HOH E . ? 0.3604 0.2773 0.5067 -0.0667 -0.0479 -0.1150 145 HOH B O     
416 O O     . HOH E . ? 0.2734 0.1733 0.2753 0.0046  -0.0290 0.0006  150 HOH B O     
417 O O     . HOH E . ? 0.4312 0.5238 0.5145 -0.0001 0.1293  -0.1696 152 HOH B O     
418 O O     . HOH E . ? 0.5828 0.4636 0.6138 -0.0446 0.0036  -0.0452 154 HOH B O     
419 O O     . HOH E . ? 0.3880 0.1915 0.2492 -0.0747 -0.1372 0.0226  159 HOH B O     
420 O O     . HOH E . ? 0.4044 0.6461 0.3059 0.0541  -0.0550 0.1253  162 HOH B O     
421 O O     . HOH E . ? 0.2930 0.3599 0.2733 0.0361  -0.0367 0.0621  164 HOH B O     
422 O O     . HOH E . ? 0.4517 0.5871 0.4755 -0.0125 0.1646  0.0483  169 HOH B O     
423 O O     . HOH E . ? 0.2440 0.2877 0.4556 0.0696  -0.0027 0.0942  172 HOH B O     
424 O O     . HOH E . ? 0.1669 0.3018 0.3407 0.0898  0.0328  0.0859  174 HOH B O     
425 O O     . HOH E . ? 0.7402 0.7189 0.7145 0.0000  -0.0409 -0.1350 175 HOH B O     
426 O O     . HOH E . ? 0.5377 0.5813 0.6181 -0.0922 0.2430  -0.0020 176 HOH B O     
427 O O     . HOH E . ? 0.6793 0.6212 0.4449 0.1087  0.0774  0.2112  177 HOH B O     
428 O O     . HOH E . ? 0.4076 0.4073 0.2729 -0.0314 -0.0603 -0.0068 179 HOH B O     
429 O O     . HOH E . ? 0.8300 0.4421 0.4335 0.0468  -0.0359 0.1322  180 HOH B O     
430 O O     . HOH E . ? 0.7158 0.5096 0.7354 0.0991  0.1174  -0.0449 182 HOH B O     
431 O O     . HOH E . ? 0.8201 0.8153 0.7719 -0.0960 0.0415  0.0387  183 HOH B O     
# 
